data_4FMR
#
_entry.id   4FMR
#
_cell.length_a   59.536
_cell.length_b   143.307
_cell.length_c   67.561
_cell.angle_alpha   90.000
_cell.angle_beta   94.350
_cell.angle_gamma   90.000
#
_symmetry.space_group_name_H-M   'P 1 21 1'
#
loop_
_entity.id
_entity.type
_entity.pdbx_description
1 polymer 'uncharacterized hypothetical protein'
2 water water
#
_entity_poly.entity_id   1
_entity_poly.type   'polypeptide(L)'
_entity_poly.pdbx_seq_one_letter_code
;GAKNVLKAWLVDNTVTTDDKTDKIFQLETTRSIDKEIILDR(MSE)VAKNPGVRRET(MSE)ALGIEL(MSE)EEVVAEA
L(MSE)NGESVNTGLFRGVAQFRGVAKQNAWDAATNSIYVSLTQGKALREAIKDTRVDVLGERPTKFYIGSGQDATTRAT
DFSATAGRNFTLFGKNLTVAGTDPSVGVTLASAATGTVTKIDND(MSE)IVLNEPSRLIILLPASLEDGEY(MSE)LTVT
TQYRGGGGALLKTPRSTSHTIYIGGAPETGGSTGPPGDSDGDLNENPLG
;
_entity_poly.pdbx_strand_id   A,B,C,D
#
# COMPACT_ATOMS: atom_id res chain seq x y z
N LYS A 3 -24.78 -6.21 34.85
CA LYS A 3 -23.74 -7.21 35.07
C LYS A 3 -22.43 -6.86 34.28
N ASN A 4 -22.55 -6.59 32.96
CA ASN A 4 -21.36 -6.30 32.16
C ASN A 4 -21.08 -4.80 32.13
N VAL A 5 -19.78 -4.43 32.06
CA VAL A 5 -19.40 -3.02 32.11
C VAL A 5 -18.42 -2.69 30.98
N LEU A 6 -18.79 -1.68 30.18
CA LEU A 6 -17.96 -1.12 29.11
C LEU A 6 -17.45 0.23 29.59
N LYS A 7 -16.11 0.41 29.61
CA LYS A 7 -15.47 1.66 30.01
C LYS A 7 -15.28 2.52 28.77
N ALA A 8 -15.71 3.79 28.82
CA ALA A 8 -15.62 4.63 27.62
C ALA A 8 -15.06 6.02 27.86
N TRP A 9 -14.24 6.48 26.92
CA TRP A 9 -13.69 7.84 26.86
C TRP A 9 -14.64 8.75 26.10
N LEU A 10 -14.54 10.05 26.36
CA LEU A 10 -15.20 11.09 25.59
C LEU A 10 -14.15 11.65 24.64
N VAL A 11 -14.39 11.55 23.31
CA VAL A 11 -13.49 12.03 22.23
C VAL A 11 -14.31 12.91 21.26
N ASP A 12 -13.61 13.80 20.53
CA ASP A 12 -14.20 14.68 19.52
C ASP A 12 -14.50 13.86 18.26
N ASN A 13 -15.63 14.18 17.59
CA ASN A 13 -16.17 13.50 16.40
C ASN A 13 -15.61 14.10 15.11
N THR A 21 -17.52 20.51 16.38
CA THR A 21 -17.77 19.06 16.36
C THR A 21 -18.42 18.53 17.68
N ASP A 22 -19.00 17.32 17.60
CA ASP A 22 -19.65 16.55 18.67
C ASP A 22 -18.68 15.75 19.55
N LYS A 23 -19.13 15.37 20.75
CA LYS A 23 -18.44 14.39 21.61
C LYS A 23 -19.07 13.03 21.34
N ILE A 24 -18.25 11.98 21.35
CA ILE A 24 -18.70 10.60 21.13
C ILE A 24 -17.97 9.69 22.09
N PHE A 25 -18.57 8.51 22.35
CA PHE A 25 -17.96 7.55 23.24
C PHE A 25 -17.00 6.65 22.48
N GLN A 26 -15.85 6.40 23.10
CA GLN A 26 -14.82 5.54 22.57
C GLN A 26 -14.47 4.51 23.61
N LEU A 27 -14.52 3.23 23.23
CA LEU A 27 -14.17 2.13 24.14
C LEU A 27 -12.71 2.24 24.58
N GLU A 28 -12.46 2.09 25.87
CA GLU A 28 -11.10 2.12 26.41
C GLU A 28 -10.27 0.91 25.91
N THR A 29 -8.94 1.12 25.72
CA THR A 29 -8.04 0.03 25.29
C THR A 29 -7.81 -0.90 26.48
N THR A 30 -8.22 -2.18 26.37
CA THR A 30 -8.03 -3.09 27.49
C THR A 30 -7.24 -4.35 27.06
N ARG A 31 -7.96 -5.35 26.50
CA ARG A 31 -7.48 -6.68 26.18
C ARG A 31 -8.02 -7.24 24.88
N SER A 32 -7.29 -8.21 24.36
CA SER A 32 -7.66 -8.99 23.19
C SER A 32 -7.64 -10.46 23.56
N ILE A 33 -8.63 -11.23 23.13
CA ILE A 33 -8.61 -12.64 23.47
C ILE A 33 -8.79 -13.44 22.19
N ASP A 34 -8.06 -14.53 22.09
CA ASP A 34 -8.10 -15.39 20.90
C ASP A 34 -8.65 -16.76 21.32
N LYS A 35 -8.60 -17.75 20.41
CA LYS A 35 -9.12 -19.09 20.63
C LYS A 35 -8.48 -19.76 21.85
N GLU A 36 -7.17 -19.57 22.06
CA GLU A 36 -6.45 -20.16 23.21
C GLU A 36 -7.07 -19.69 24.53
N ILE A 37 -7.28 -18.37 24.71
CA ILE A 37 -7.87 -17.78 25.92
C ILE A 37 -9.38 -18.17 26.04
N ILE A 38 -10.11 -18.24 24.90
CA ILE A 38 -11.53 -18.67 24.85
C ILE A 38 -11.62 -20.11 25.39
N LEU A 39 -10.71 -21.00 24.95
CA LEU A 39 -10.63 -22.38 25.42
C LEU A 39 -10.30 -22.44 26.90
N ASP A 40 -9.36 -21.58 27.38
CA ASP A 40 -9.00 -21.55 28.82
C ASP A 40 -10.25 -21.15 29.67
N ARG A 41 -11.02 -20.16 29.20
CA ARG A 41 -12.22 -19.66 29.88
C ARG A 41 -13.38 -20.65 29.80
N MSE A 42 -13.50 -21.39 28.70
CA MSE A 42 -14.53 -22.43 28.58
C MSE A 42 -14.25 -23.57 29.61
O MSE A 42 -15.17 -24.05 30.28
CB MSE A 42 -14.56 -23.01 27.17
CG MSE A 42 -15.20 -22.08 26.14
SE MSE A 42 -14.88 -22.74 24.33
CE MSE A 42 -15.94 -24.34 24.42
N VAL A 43 -12.96 -23.98 29.75
CA VAL A 43 -12.53 -25.04 30.66
C VAL A 43 -12.69 -24.56 32.13
N ALA A 44 -12.45 -23.26 32.41
CA ALA A 44 -12.63 -22.69 33.75
C ALA A 44 -14.12 -22.64 34.14
N LYS A 45 -15.03 -22.38 33.18
CA LYS A 45 -16.48 -22.30 33.40
C LYS A 45 -17.10 -23.68 33.55
N ASN A 46 -16.59 -24.66 32.79
CA ASN A 46 -17.10 -26.01 32.85
C ASN A 46 -15.91 -26.98 32.88
N PRO A 47 -15.47 -27.41 34.09
CA PRO A 47 -14.29 -28.29 34.19
C PRO A 47 -14.57 -29.73 33.73
N GLY A 48 -15.82 -30.03 33.41
CA GLY A 48 -16.27 -31.32 32.90
C GLY A 48 -16.08 -31.49 31.40
N VAL A 49 -15.54 -30.47 30.72
CA VAL A 49 -15.25 -30.53 29.28
C VAL A 49 -13.74 -30.69 29.10
N ARG A 50 -13.36 -31.58 28.18
CA ARG A 50 -11.97 -31.84 27.86
C ARG A 50 -11.51 -30.76 26.87
N ARG A 51 -10.42 -30.03 27.19
CA ARG A 51 -9.91 -28.94 26.36
C ARG A 51 -9.66 -29.35 24.90
N GLU A 52 -9.07 -30.55 24.69
CA GLU A 52 -8.76 -31.15 23.38
C GLU A 52 -10.02 -31.38 22.54
N THR A 53 -11.12 -31.83 23.19
CA THR A 53 -12.44 -32.04 22.55
C THR A 53 -13.03 -30.67 22.16
N MSE A 54 -12.90 -29.66 23.05
CA MSE A 54 -13.39 -28.31 22.81
C MSE A 54 -12.61 -27.68 21.68
O MSE A 54 -13.23 -27.08 20.80
CB MSE A 54 -13.33 -27.45 24.08
CG MSE A 54 -14.25 -27.91 25.20
SE MSE A 54 -16.16 -27.98 24.70
CE MSE A 54 -16.36 -29.77 23.92
N ALA A 55 -11.26 -27.83 21.65
CA ALA A 55 -10.41 -27.29 20.58
C ALA A 55 -10.78 -27.91 19.21
N LEU A 56 -11.02 -29.25 19.16
CA LEU A 56 -11.42 -29.99 17.96
C LEU A 56 -12.77 -29.48 17.44
N GLY A 57 -13.73 -29.34 18.35
CA GLY A 57 -15.07 -28.84 18.08
C GLY A 57 -15.08 -27.46 17.45
N ILE A 58 -14.26 -26.51 17.97
CA ILE A 58 -14.18 -25.16 17.43
C ILE A 58 -13.63 -25.20 15.98
N GLU A 59 -12.56 -25.99 15.71
CA GLU A 59 -11.99 -26.13 14.35
C GLU A 59 -12.99 -26.72 13.38
N LEU A 60 -13.73 -27.75 13.84
CA LEU A 60 -14.75 -28.45 13.06
C LEU A 60 -15.89 -27.48 12.65
N MSE A 61 -16.43 -26.76 13.66
CA MSE A 61 -17.49 -25.77 13.46
CA MSE A 61 -17.49 -25.76 13.48
C MSE A 61 -17.04 -24.68 12.45
O MSE A 61 -17.84 -24.26 11.62
CB MSE A 61 -17.91 -25.16 14.79
CB MSE A 61 -17.83 -25.14 14.85
CG MSE A 61 -19.17 -24.34 14.70
CG MSE A 61 -18.96 -24.11 14.83
SE MSE A 61 -19.25 -23.01 16.11
SE MSE A 61 -18.38 -22.33 14.30
CE MSE A 61 -17.65 -21.92 15.58
CE MSE A 61 -17.05 -21.96 15.69
N GLU A 62 -15.78 -24.22 12.53
CA GLU A 62 -15.26 -23.18 11.62
C GLU A 62 -15.19 -23.68 10.20
N GLU A 63 -14.81 -24.98 10.00
CA GLU A 63 -14.76 -25.63 8.69
CA GLU A 63 -14.76 -25.57 8.67
C GLU A 63 -16.17 -25.63 8.07
N VAL A 64 -17.17 -26.10 8.84
CA VAL A 64 -18.57 -26.22 8.42
C VAL A 64 -19.14 -24.84 8.00
N VAL A 65 -18.90 -23.81 8.82
CA VAL A 65 -19.41 -22.45 8.59
C VAL A 65 -18.71 -21.82 7.37
N ALA A 66 -17.35 -21.95 7.26
CA ALA A 66 -16.60 -21.43 6.11
C ALA A 66 -17.11 -22.05 4.83
N GLU A 67 -17.31 -23.37 4.82
CA GLU A 67 -17.82 -24.07 3.64
C GLU A 67 -19.22 -23.64 3.26
N ALA A 68 -20.09 -23.42 4.26
CA ALA A 68 -21.48 -22.96 4.07
C ALA A 68 -21.50 -21.60 3.40
N LEU A 69 -20.70 -20.65 3.92
CA LEU A 69 -20.61 -19.30 3.40
C LEU A 69 -20.02 -19.26 1.99
N MSE A 70 -19.01 -20.10 1.73
CA MSE A 70 -18.33 -20.13 0.44
C MSE A 70 -19.12 -20.95 -0.58
O MSE A 70 -18.75 -21.01 -1.75
CB MSE A 70 -16.89 -20.66 0.59
CG MSE A 70 -15.97 -19.69 1.29
SE MSE A 70 -15.95 -17.92 0.43
CE MSE A 70 -16.89 -16.92 1.73
N ASN A 71 -20.25 -21.53 -0.17
CA ASN A 71 -21.07 -22.22 -1.13
C ASN A 71 -22.47 -21.56 -1.14
N GLY A 72 -22.47 -20.27 -0.81
CA GLY A 72 -23.61 -19.37 -0.94
C GLY A 72 -24.74 -19.42 0.05
N GLU A 73 -24.49 -19.96 1.24
CA GLU A 73 -25.51 -19.98 2.30
C GLU A 73 -25.32 -18.83 3.27
N SER A 74 -26.45 -18.32 3.80
CA SER A 74 -26.38 -17.38 4.90
C SER A 74 -26.28 -18.25 6.17
N VAL A 75 -25.47 -17.86 7.13
CA VAL A 75 -25.28 -18.67 8.32
C VAL A 75 -25.69 -17.89 9.55
N ASN A 76 -26.56 -18.46 10.37
CA ASN A 76 -26.98 -17.80 11.60
C ASN A 76 -26.62 -18.65 12.83
N THR A 77 -25.77 -18.10 13.72
CA THR A 77 -25.44 -18.72 15.03
C THR A 77 -26.07 -17.81 16.11
N GLY A 78 -25.82 -18.10 17.36
CA GLY A 78 -26.29 -17.21 18.43
C GLY A 78 -25.50 -15.92 18.41
N LEU A 79 -24.19 -16.00 18.02
CA LEU A 79 -23.29 -14.85 18.00
C LEU A 79 -23.42 -13.97 16.76
N PHE A 80 -23.62 -14.57 15.60
CA PHE A 80 -23.65 -13.75 14.38
C PHE A 80 -24.48 -14.36 13.27
N ARG A 81 -24.71 -13.55 12.28
CA ARG A 81 -25.27 -13.96 11.00
C ARG A 81 -24.28 -13.49 9.96
N GLY A 82 -23.90 -14.39 9.05
CA GLY A 82 -22.97 -14.09 7.98
C GLY A 82 -23.50 -14.48 6.62
N VAL A 83 -23.02 -13.79 5.57
CA VAL A 83 -23.34 -14.10 4.18
C VAL A 83 -22.19 -13.59 3.37
N ALA A 84 -21.82 -14.32 2.30
CA ALA A 84 -20.81 -13.88 1.33
C ALA A 84 -21.32 -12.68 0.53
N GLN A 85 -20.43 -11.71 0.29
CA GLN A 85 -20.69 -10.49 -0.44
C GLN A 85 -19.60 -10.23 -1.48
N PHE A 86 -19.88 -9.36 -2.45
CA PHE A 86 -18.91 -9.02 -3.49
C PHE A 86 -18.53 -7.56 -3.43
N ARG A 87 -17.21 -7.30 -3.56
CA ARG A 87 -16.69 -5.94 -3.54
CA ARG A 87 -16.65 -5.95 -3.53
C ARG A 87 -16.15 -5.57 -4.93
N GLY A 88 -16.39 -4.33 -5.32
CA GLY A 88 -15.96 -3.81 -6.61
C GLY A 88 -17.00 -3.87 -7.70
N VAL A 89 -16.86 -2.95 -8.65
CA VAL A 89 -17.66 -2.76 -9.86
C VAL A 89 -17.44 -3.96 -10.80
N ALA A 90 -18.55 -4.47 -11.40
CA ALA A 90 -18.52 -5.56 -12.38
C ALA A 90 -18.12 -4.97 -13.74
N LYS A 91 -16.79 -4.87 -13.99
CA LYS A 91 -16.20 -4.28 -15.20
C LYS A 91 -16.29 -5.26 -16.39
N GLN A 92 -16.92 -4.80 -17.49
CA GLN A 92 -17.13 -5.51 -18.76
C GLN A 92 -17.85 -6.87 -18.57
N ASN A 93 -18.84 -6.91 -17.63
CA ASN A 93 -19.69 -8.07 -17.27
C ASN A 93 -18.86 -9.31 -16.85
N ALA A 94 -17.67 -9.08 -16.27
CA ALA A 94 -16.74 -10.14 -15.87
C ALA A 94 -16.10 -9.86 -14.52
N TRP A 95 -15.64 -10.95 -13.87
CA TRP A 95 -14.93 -10.91 -12.60
C TRP A 95 -13.45 -10.68 -12.85
N ASP A 96 -12.88 -9.58 -12.28
CA ASP A 96 -11.45 -9.29 -12.40
CA ASP A 96 -11.45 -9.30 -12.42
C ASP A 96 -10.81 -9.40 -11.02
N ALA A 97 -10.01 -10.47 -10.82
CA ALA A 97 -9.29 -10.80 -9.59
C ALA A 97 -8.48 -9.63 -9.01
N ALA A 98 -8.15 -8.60 -9.82
CA ALA A 98 -7.41 -7.43 -9.37
C ALA A 98 -8.33 -6.39 -8.70
N THR A 99 -9.56 -6.16 -9.23
CA THR A 99 -10.50 -5.15 -8.69
C THR A 99 -11.64 -5.77 -7.82
N ASN A 100 -12.05 -7.00 -8.14
CA ASN A 100 -13.14 -7.69 -7.45
C ASN A 100 -12.60 -8.63 -6.38
N SER A 101 -13.40 -8.78 -5.32
CA SER A 101 -13.09 -9.66 -4.20
C SER A 101 -14.37 -10.12 -3.48
N ILE A 102 -14.26 -11.28 -2.85
CA ILE A 102 -15.28 -11.89 -1.99
C ILE A 102 -14.97 -11.48 -0.56
N TYR A 103 -16.01 -11.27 0.23
CA TYR A 103 -15.86 -11.05 1.67
C TYR A 103 -17.11 -11.59 2.33
N VAL A 104 -17.04 -11.81 3.63
CA VAL A 104 -18.21 -12.26 4.37
C VAL A 104 -18.62 -11.09 5.23
N SER A 105 -19.85 -10.68 5.08
CA SER A 105 -20.41 -9.61 5.89
C SER A 105 -21.09 -10.27 7.09
N LEU A 106 -20.71 -9.82 8.30
CA LEU A 106 -21.19 -10.35 9.57
C LEU A 106 -21.93 -9.32 10.37
N THR A 107 -23.05 -9.75 10.96
CA THR A 107 -23.87 -8.88 11.77
C THR A 107 -24.04 -9.57 13.13
N GLN A 108 -24.22 -8.80 14.21
CA GLN A 108 -24.37 -9.39 15.55
C GLN A 108 -25.65 -10.30 15.59
N GLY A 109 -25.54 -11.39 16.34
CA GLY A 109 -26.64 -12.33 16.50
C GLY A 109 -27.45 -12.08 17.77
N LYS A 110 -28.50 -12.88 17.95
CA LYS A 110 -29.42 -12.75 19.07
C LYS A 110 -28.68 -12.81 20.45
N ALA A 111 -27.72 -13.71 20.63
CA ALA A 111 -26.99 -13.84 21.89
C ALA A 111 -26.24 -12.51 22.22
N LEU A 112 -25.67 -11.83 21.21
CA LEU A 112 -25.00 -10.55 21.45
C LEU A 112 -26.03 -9.44 21.76
N ARG A 113 -27.15 -9.38 21.03
CA ARG A 113 -28.20 -8.40 21.30
C ARG A 113 -28.78 -8.60 22.72
N GLU A 114 -28.90 -9.86 23.20
CA GLU A 114 -29.39 -10.13 24.56
C GLU A 114 -28.37 -9.71 25.61
N ALA A 115 -27.07 -9.95 25.35
CA ALA A 115 -25.98 -9.62 26.28
C ALA A 115 -25.86 -8.11 26.45
N ILE A 116 -26.14 -7.35 25.37
CA ILE A 116 -26.10 -5.89 25.34
C ILE A 116 -27.11 -5.31 26.34
N LYS A 117 -28.31 -5.92 26.48
CA LYS A 117 -29.36 -5.51 27.41
C LYS A 117 -28.88 -5.48 28.86
N ASP A 118 -27.94 -6.39 29.23
CA ASP A 118 -27.39 -6.51 30.59
C ASP A 118 -26.00 -5.82 30.71
N THR A 119 -25.74 -4.81 29.87
CA THR A 119 -24.46 -4.11 29.87
C THR A 119 -24.68 -2.62 30.18
N ARG A 120 -23.81 -2.06 31.03
CA ARG A 120 -23.81 -0.65 31.34
C ARG A 120 -22.49 0.01 30.86
N VAL A 121 -22.54 1.32 30.62
CA VAL A 121 -21.40 2.08 30.13
C VAL A 121 -20.86 2.96 31.26
N ASP A 122 -19.59 2.75 31.61
CA ASP A 122 -18.89 3.53 32.61
C ASP A 122 -18.10 4.61 31.87
N VAL A 123 -18.59 5.85 31.91
CA VAL A 123 -18.00 6.98 31.21
C VAL A 123 -16.80 7.47 32.04
N LEU A 124 -15.59 7.32 31.47
CA LEU A 124 -14.32 7.71 32.10
C LEU A 124 -14.08 9.19 32.01
N GLY A 125 -14.79 9.85 31.10
CA GLY A 125 -14.63 11.27 30.83
C GLY A 125 -13.69 11.45 29.67
N GLU A 126 -13.15 12.67 29.53
CA GLU A 126 -12.17 13.01 28.49
C GLU A 126 -10.79 12.58 28.93
N ARG A 127 -9.91 12.20 27.98
CA ARG A 127 -8.52 11.83 28.29
C ARG A 127 -7.80 13.02 28.89
N PRO A 128 -6.92 12.83 29.90
CA PRO A 128 -6.26 14.00 30.54
C PRO A 128 -5.41 14.85 29.58
N THR A 129 -4.91 14.26 28.48
CA THR A 129 -4.08 15.00 27.53
C THR A 129 -4.72 14.98 26.13
N LYS A 130 -4.52 16.07 25.35
CA LYS A 130 -4.99 16.24 23.97
C LYS A 130 -4.01 15.55 23.01
N PHE A 131 -3.84 14.24 23.22
CA PHE A 131 -2.97 13.36 22.45
C PHE A 131 -3.58 11.98 22.44
N TYR A 132 -4.26 11.63 21.33
CA TYR A 132 -4.91 10.33 21.24
C TYR A 132 -5.30 9.98 19.82
N ILE A 133 -5.68 8.71 19.64
CA ILE A 133 -6.24 8.12 18.42
C ILE A 133 -7.75 8.12 18.64
N GLY A 134 -8.45 8.97 17.89
CA GLY A 134 -9.89 9.10 18.02
C GLY A 134 -10.67 8.08 17.21
N SER A 135 -10.28 7.91 15.95
CA SER A 135 -10.96 7.01 15.04
C SER A 135 -9.99 6.52 13.97
N GLY A 136 -10.50 5.66 13.11
CA GLY A 136 -9.74 5.04 12.05
C GLY A 136 -10.60 4.61 10.89
N GLN A 137 -9.97 4.36 9.74
CA GLN A 137 -10.67 3.91 8.57
C GLN A 137 -9.75 3.05 7.71
N ASP A 138 -10.27 1.89 7.30
CA ASP A 138 -9.56 1.00 6.41
C ASP A 138 -9.94 1.38 4.97
N ALA A 139 -8.95 1.76 4.13
CA ALA A 139 -9.15 2.19 2.74
C ALA A 139 -9.89 1.12 1.90
N THR A 140 -9.47 -0.14 2.02
CA THR A 140 -9.99 -1.25 1.25
C THR A 140 -11.43 -1.61 1.65
N THR A 141 -11.71 -1.79 2.95
CA THR A 141 -13.02 -2.28 3.34
C THR A 141 -13.97 -1.16 3.75
N ARG A 142 -13.46 0.07 4.02
CA ARG A 142 -14.23 1.26 4.45
C ARG A 142 -14.67 1.12 5.92
N ALA A 143 -14.16 0.07 6.63
CA ALA A 143 -14.48 -0.21 8.04
C ALA A 143 -13.88 0.86 8.95
N THR A 144 -14.61 1.17 10.02
CA THR A 144 -14.21 2.18 11.02
C THR A 144 -14.16 1.52 12.40
N ASP A 145 -14.23 0.19 12.47
CA ASP A 145 -14.18 -0.53 13.76
C ASP A 145 -12.75 -0.93 14.17
N PHE A 146 -11.72 -0.42 13.44
CA PHE A 146 -10.30 -0.72 13.68
C PHE A 146 -9.95 -2.15 13.23
N SER A 147 -10.64 -2.61 12.21
CA SER A 147 -10.30 -3.81 11.46
C SER A 147 -9.55 -3.26 10.24
N ALA A 148 -8.53 -3.96 9.77
CA ALA A 148 -7.70 -3.42 8.70
C ALA A 148 -7.20 -4.51 7.75
N THR A 149 -6.63 -4.07 6.65
CA THR A 149 -6.12 -4.97 5.61
C THR A 149 -4.63 -4.78 5.51
N ALA A 150 -3.88 -5.90 5.70
CA ALA A 150 -2.44 -5.91 5.52
C ALA A 150 -2.09 -5.57 4.07
N GLY A 151 -1.01 -4.82 3.87
CA GLY A 151 -0.52 -4.44 2.55
C GLY A 151 -1.30 -3.32 1.92
N ARG A 152 -2.20 -2.70 2.69
CA ARG A 152 -3.07 -1.62 2.22
C ARG A 152 -3.02 -0.45 3.21
N ASN A 153 -3.69 0.66 2.85
CA ASN A 153 -3.69 1.87 3.66
C ASN A 153 -4.73 1.87 4.76
N PHE A 154 -4.32 2.47 5.88
CA PHE A 154 -5.15 2.70 7.05
C PHE A 154 -4.96 4.16 7.49
N THR A 155 -6.06 4.85 7.81
CA THR A 155 -6.03 6.25 8.26
C THR A 155 -6.36 6.31 9.74
N LEU A 156 -5.56 7.04 10.50
CA LEU A 156 -5.78 7.29 11.92
C LEU A 156 -6.20 8.72 12.11
N PHE A 157 -7.29 8.95 12.80
CA PHE A 157 -7.73 10.30 13.10
C PHE A 157 -7.55 10.50 14.58
N GLY A 158 -7.06 11.66 14.96
CA GLY A 158 -6.84 11.93 16.37
C GLY A 158 -6.40 13.35 16.64
N LYS A 159 -5.61 13.49 17.72
CA LYS A 159 -5.06 14.76 18.18
C LYS A 159 -3.58 14.65 18.39
N ASN A 160 -2.82 15.59 17.78
CA ASN A 160 -1.36 15.77 17.87
C ASN A 160 -0.61 14.46 17.60
N LEU A 161 -0.96 13.83 16.46
CA LEU A 161 -0.42 12.52 16.09
C LEU A 161 0.87 12.60 15.23
N THR A 162 1.28 13.79 14.72
CA THR A 162 2.49 13.93 13.87
C THR A 162 3.65 13.17 14.45
N VAL A 163 4.28 12.31 13.63
CA VAL A 163 5.48 11.54 13.99
C VAL A 163 6.67 12.48 13.76
N ALA A 164 7.29 12.93 14.87
CA ALA A 164 8.43 13.86 14.85
C ALA A 164 9.37 13.61 16.02
N GLY A 165 10.63 13.98 15.84
CA GLY A 165 11.65 13.81 16.86
C GLY A 165 12.81 12.95 16.44
N THR A 166 13.93 13.08 17.20
CA THR A 166 15.22 12.41 16.99
C THR A 166 15.34 11.08 17.75
N ASP A 167 14.60 10.91 18.88
CA ASP A 167 14.65 9.71 19.73
C ASP A 167 14.37 8.43 18.93
N PRO A 168 15.12 7.32 19.19
CA PRO A 168 14.92 6.08 18.40
C PRO A 168 13.52 5.44 18.53
N SER A 169 12.82 5.66 19.67
CA SER A 169 11.48 5.09 19.91
C SER A 169 10.38 5.78 19.05
N VAL A 170 10.65 6.97 18.47
CA VAL A 170 9.69 7.73 17.66
C VAL A 170 9.26 6.89 16.42
N GLY A 171 7.96 6.87 16.13
CA GLY A 171 7.41 6.12 15.02
C GLY A 171 6.16 5.34 15.34
N VAL A 172 5.67 4.57 14.36
CA VAL A 172 4.45 3.77 14.47
C VAL A 172 4.82 2.27 14.59
N THR A 173 4.27 1.60 15.61
CA THR A 173 4.54 0.18 15.86
C THR A 173 3.24 -0.63 15.93
N LEU A 174 3.35 -1.93 15.64
CA LEU A 174 2.28 -2.92 15.75
C LEU A 174 2.82 -4.05 16.58
N ALA A 175 2.19 -4.29 17.74
CA ALA A 175 2.61 -5.33 18.66
C ALA A 175 1.59 -6.43 18.65
N SER A 176 2.03 -7.63 18.28
CA SER A 176 1.18 -8.81 18.17
C SER A 176 0.59 -9.27 19.51
N ALA A 177 -0.76 -9.35 19.59
CA ALA A 177 -1.41 -9.89 20.79
C ALA A 177 -1.09 -11.36 20.95
N ALA A 178 -0.88 -12.12 19.87
CA ALA A 178 -0.59 -13.57 19.94
C ALA A 178 0.85 -13.89 20.35
N THR A 179 1.85 -13.14 19.86
CA THR A 179 3.25 -13.44 20.14
C THR A 179 3.98 -12.40 20.99
N GLY A 180 3.47 -11.19 21.01
CA GLY A 180 4.13 -10.08 21.69
C GLY A 180 5.14 -9.37 20.79
N THR A 181 5.45 -9.93 19.58
CA THR A 181 6.42 -9.35 18.63
C THR A 181 6.03 -7.92 18.19
N VAL A 182 6.98 -6.99 18.28
CA VAL A 182 6.76 -5.59 17.91
C VAL A 182 7.30 -5.37 16.48
N THR A 183 6.43 -4.95 15.54
CA THR A 183 6.83 -4.63 14.17
C THR A 183 6.86 -3.11 14.03
N LYS A 184 8.01 -2.55 13.63
CA LYS A 184 8.03 -1.11 13.42
C LYS A 184 7.68 -0.80 11.95
N ILE A 185 6.80 0.18 11.75
CA ILE A 185 6.42 0.64 10.41
C ILE A 185 7.54 1.56 9.95
N ASP A 186 7.99 1.36 8.72
CA ASP A 186 9.02 2.19 8.14
C ASP A 186 8.44 3.61 8.01
N ASN A 187 9.20 4.63 8.40
CA ASN A 187 8.73 6.02 8.38
C ASN A 187 8.33 6.48 6.98
N ASP A 188 8.89 5.88 5.91
CA ASP A 188 8.54 6.18 4.52
C ASP A 188 7.10 5.72 4.20
N MSE A 189 6.59 4.75 5.00
CA MSE A 189 5.26 4.18 4.84
C MSE A 189 4.22 4.99 5.61
O MSE A 189 3.03 4.68 5.54
CB MSE A 189 5.25 2.68 5.23
CG MSE A 189 6.17 1.83 4.34
SE MSE A 189 5.68 1.79 2.39
CE MSE A 189 6.89 3.18 1.68
N ILE A 190 4.63 6.07 6.29
CA ILE A 190 3.73 7.06 6.88
C ILE A 190 3.63 8.08 5.74
N VAL A 191 2.58 7.99 4.90
CA VAL A 191 2.50 8.79 3.66
C VAL A 191 1.76 10.13 3.89
N LEU A 192 1.07 10.26 5.00
CA LEU A 192 0.50 11.54 5.45
C LEU A 192 0.80 11.62 6.95
N ASN A 193 1.48 12.70 7.36
CA ASN A 193 1.92 12.87 8.75
C ASN A 193 1.43 14.23 9.31
N GLU A 194 0.12 14.34 9.60
CA GLU A 194 -0.50 15.57 10.12
C GLU A 194 -0.95 15.37 11.58
N PRO A 195 -1.10 16.46 12.38
CA PRO A 195 -1.47 16.28 13.81
C PRO A 195 -2.82 15.56 14.00
N SER A 196 -3.80 15.84 13.14
CA SER A 196 -5.13 15.26 13.29
C SER A 196 -5.33 13.99 12.44
N ARG A 197 -4.32 13.61 11.64
CA ARG A 197 -4.46 12.51 10.70
C ARG A 197 -3.12 11.93 10.22
N LEU A 198 -3.02 10.61 10.30
CA LEU A 198 -1.92 9.81 9.80
C LEU A 198 -2.44 8.81 8.78
N ILE A 199 -1.79 8.69 7.61
CA ILE A 199 -2.12 7.66 6.61
C ILE A 199 -0.87 6.78 6.54
N ILE A 200 -1.06 5.49 6.82
CA ILE A 200 0.03 4.51 6.82
C ILE A 200 -0.26 3.38 5.86
N LEU A 201 0.82 2.76 5.35
CA LEU A 201 0.69 1.54 4.58
C LEU A 201 1.00 0.40 5.55
N LEU A 202 0.06 -0.53 5.71
CA LEU A 202 0.24 -1.65 6.64
C LEU A 202 1.12 -2.75 5.99
N PRO A 203 2.13 -3.32 6.71
CA PRO A 203 3.00 -4.35 6.09
C PRO A 203 2.20 -5.55 5.60
N ALA A 204 2.54 -6.08 4.41
CA ALA A 204 1.79 -7.17 3.80
C ALA A 204 2.04 -8.51 4.47
N SER A 205 3.22 -8.64 5.12
CA SER A 205 3.70 -9.86 5.76
C SER A 205 3.04 -10.14 7.13
N LEU A 206 2.34 -9.16 7.72
CA LEU A 206 1.72 -9.34 9.03
C LEU A 206 0.65 -10.41 9.04
N GLU A 207 0.78 -11.35 10.00
CA GLU A 207 -0.14 -12.46 10.24
C GLU A 207 -1.50 -11.92 10.76
N ASP A 208 -2.63 -12.54 10.36
CA ASP A 208 -3.98 -12.14 10.79
C ASP A 208 -4.07 -12.15 12.32
N GLY A 209 -4.73 -11.15 12.88
CA GLY A 209 -4.88 -11.07 14.32
C GLY A 209 -4.94 -9.65 14.85
N GLU A 210 -5.13 -9.55 16.16
CA GLU A 210 -5.19 -8.30 16.88
C GLU A 210 -3.78 -7.85 17.26
N TYR A 211 -3.55 -6.55 17.15
CA TYR A 211 -2.27 -5.86 17.45
C TYR A 211 -2.55 -4.65 18.27
N MSE A 212 -1.54 -4.16 18.94
CA MSE A 212 -1.57 -2.88 19.63
C MSE A 212 -0.92 -1.87 18.70
O MSE A 212 0.27 -2.04 18.40
CB MSE A 212 -0.86 -2.98 20.99
CG MSE A 212 -0.93 -1.67 21.83
SE MSE A 212 -2.77 -1.32 22.39
CE MSE A 212 -2.93 -2.75 23.77
N LEU A 213 -1.68 -0.90 18.14
CA LEU A 213 -1.07 0.13 17.28
C LEU A 213 -0.62 1.30 18.18
N THR A 214 0.65 1.71 18.11
CA THR A 214 1.18 2.79 18.93
C THR A 214 1.88 3.84 18.09
N VAL A 215 1.51 5.10 18.32
CA VAL A 215 2.14 6.29 17.75
C VAL A 215 3.05 6.87 18.84
N THR A 216 4.36 6.89 18.59
CA THR A 216 5.31 7.45 19.54
C THR A 216 5.95 8.67 18.89
N THR A 217 5.82 9.82 19.55
CA THR A 217 6.37 11.03 18.95
C THR A 217 6.85 12.06 20.01
N GLN A 218 7.65 13.03 19.55
CA GLN A 218 8.17 14.14 20.34
C GLN A 218 7.50 15.42 19.87
N TYR A 219 6.49 15.27 19.00
CA TYR A 219 5.68 16.39 18.51
C TYR A 219 4.85 16.95 19.66
N ARG A 220 5.04 18.23 19.97
CA ARG A 220 4.32 18.94 21.03
C ARG A 220 2.97 19.45 20.53
N GLY A 221 1.94 19.29 21.35
CA GLY A 221 0.59 19.78 21.09
C GLY A 221 0.57 21.22 20.61
N GLY A 222 0.17 21.40 19.35
CA GLY A 222 0.13 22.71 18.71
C GLY A 222 1.51 23.14 18.26
N GLY A 223 1.80 24.41 18.42
CA GLY A 223 3.10 24.97 18.06
C GLY A 223 4.15 24.77 19.13
N GLY A 224 5.39 25.18 18.80
CA GLY A 224 6.51 25.11 19.72
C GLY A 224 7.54 24.03 19.45
N ALA A 225 8.56 23.99 20.35
CA ALA A 225 9.71 23.06 20.34
C ALA A 225 9.27 21.60 20.53
N LEU A 226 10.13 20.65 20.14
CA LEU A 226 9.85 19.23 20.31
C LEU A 226 9.97 18.84 21.78
N LEU A 227 9.17 17.86 22.22
CA LEU A 227 9.21 17.35 23.58
C LEU A 227 10.55 16.68 23.83
N LYS A 228 11.11 16.86 25.04
CA LYS A 228 12.41 16.28 25.41
C LYS A 228 12.31 14.74 25.41
N THR A 229 11.25 14.20 26.02
CA THR A 229 11.05 12.75 26.05
C THR A 229 9.80 12.40 25.19
N PRO A 230 9.87 11.30 24.40
CA PRO A 230 8.69 10.93 23.59
C PRO A 230 7.50 10.48 24.42
N ARG A 231 6.29 10.67 23.88
CA ARG A 231 5.05 10.25 24.49
C ARG A 231 4.33 9.29 23.52
N SER A 232 3.58 8.31 24.06
CA SER A 232 2.88 7.29 23.26
C SER A 232 1.38 7.26 23.49
N THR A 233 0.61 6.94 22.45
CA THR A 233 -0.83 6.76 22.50
C THR A 233 -1.16 5.55 21.62
N SER A 234 -2.09 4.71 22.08
CA SER A 234 -2.38 3.48 21.37
C SER A 234 -3.84 3.27 21.13
N HIS A 235 -4.12 2.27 20.32
CA HIS A 235 -5.42 1.78 19.97
C HIS A 235 -5.26 0.35 19.50
N THR A 236 -6.21 -0.51 19.85
CA THR A 236 -6.20 -1.87 19.39
C THR A 236 -6.56 -1.89 17.90
N ILE A 237 -6.09 -2.91 17.16
CA ILE A 237 -6.42 -3.00 15.74
C ILE A 237 -6.44 -4.48 15.32
N TYR A 238 -7.39 -4.87 14.44
CA TYR A 238 -7.42 -6.19 13.84
C TYR A 238 -6.88 -6.10 12.43
N ILE A 239 -5.89 -6.93 12.09
CA ILE A 239 -5.33 -6.90 10.76
C ILE A 239 -5.66 -8.21 10.09
N GLY A 240 -6.33 -8.12 8.96
CA GLY A 240 -6.66 -9.26 8.14
C GLY A 240 -5.60 -9.35 7.08
N GLY A 241 -5.17 -10.58 6.80
CA GLY A 241 -4.10 -10.90 5.84
C GLY A 241 -4.28 -10.24 4.50
N ALA A 242 -3.14 -9.98 3.81
CA ALA A 242 -3.08 -9.29 2.52
C ALA A 242 -3.98 -10.01 1.48
N PRO A 243 -4.72 -9.26 0.62
CA PRO A 243 -5.63 -9.92 -0.35
C PRO A 243 -4.88 -10.58 -1.52
N GLY B 1 -8.50 -27.11 -9.04
CA GLY B 1 -8.72 -25.70 -8.77
C GLY B 1 -9.43 -25.40 -7.46
N ALA B 2 -10.25 -24.30 -7.47
CA ALA B 2 -11.01 -23.81 -6.32
C ALA B 2 -12.04 -24.84 -5.85
N LYS B 3 -12.03 -25.18 -4.55
CA LYS B 3 -12.94 -26.18 -3.99
C LYS B 3 -14.35 -25.60 -3.68
N ASN B 4 -14.51 -24.26 -3.72
CA ASN B 4 -15.80 -23.65 -3.45
C ASN B 4 -16.26 -22.83 -4.62
N VAL B 5 -17.58 -22.77 -4.84
CA VAL B 5 -18.13 -21.97 -5.94
C VAL B 5 -19.26 -21.08 -5.42
N LEU B 6 -19.17 -19.79 -5.73
CA LEU B 6 -20.23 -18.82 -5.49
C LEU B 6 -20.88 -18.45 -6.85
N LYS B 7 -22.22 -18.44 -6.92
CA LYS B 7 -22.96 -18.08 -8.13
C LYS B 7 -23.44 -16.63 -8.00
N ALA B 8 -23.17 -15.78 -9.02
CA ALA B 8 -23.56 -14.37 -8.91
C ALA B 8 -24.20 -13.83 -10.20
N TRP B 9 -25.25 -13.02 -10.01
CA TRP B 9 -25.99 -12.30 -11.06
C TRP B 9 -25.40 -10.92 -11.28
N LEU B 10 -25.68 -10.32 -12.45
CA LEU B 10 -25.27 -8.97 -12.77
C LEU B 10 -26.52 -8.09 -12.70
N VAL B 11 -26.65 -7.33 -11.60
CA VAL B 11 -27.80 -6.46 -11.34
C VAL B 11 -27.33 -4.99 -11.42
N ASP B 12 -28.27 -4.05 -11.58
CA ASP B 12 -27.97 -2.62 -11.64
C ASP B 12 -27.66 -2.08 -10.24
N ASN B 13 -26.68 -1.19 -10.16
CA ASN B 13 -26.19 -0.55 -8.92
C ASN B 13 -27.19 0.51 -8.44
N THR B 21 -25.90 3.32 -13.45
CA THR B 21 -25.09 3.60 -14.65
C THR B 21 -24.05 2.49 -14.88
N ASP B 22 -23.73 1.69 -13.83
CA ASP B 22 -22.78 0.56 -13.85
C ASP B 22 -23.40 -0.69 -13.17
N LYS B 23 -22.83 -1.89 -13.45
CA LYS B 23 -23.30 -3.19 -12.93
C LYS B 23 -22.49 -3.68 -11.72
N ILE B 24 -23.15 -4.44 -10.83
CA ILE B 24 -22.61 -5.04 -9.60
C ILE B 24 -22.97 -6.54 -9.53
N PHE B 25 -22.25 -7.32 -8.69
CA PHE B 25 -22.52 -8.74 -8.51
C PHE B 25 -23.47 -8.97 -7.33
N GLN B 26 -24.46 -9.84 -7.52
CA GLN B 26 -25.47 -10.20 -6.54
C GLN B 26 -25.43 -11.69 -6.32
N LEU B 27 -25.13 -12.12 -5.07
CA LEU B 27 -25.08 -13.54 -4.73
C LEU B 27 -26.44 -14.19 -4.91
N GLU B 28 -26.45 -15.36 -5.52
CA GLU B 28 -27.60 -16.24 -5.66
C GLU B 28 -27.52 -17.13 -4.42
N THR B 29 -28.28 -16.78 -3.37
CA THR B 29 -28.24 -17.47 -2.08
C THR B 29 -28.78 -18.91 -2.22
N THR B 30 -28.02 -19.87 -1.66
CA THR B 30 -28.32 -21.30 -1.70
C THR B 30 -29.49 -21.61 -0.77
N ARG B 31 -29.35 -21.24 0.52
CA ARG B 31 -30.30 -21.46 1.62
C ARG B 31 -29.74 -20.82 2.89
N SER B 32 -30.48 -20.93 3.99
CA SER B 32 -30.05 -20.41 5.29
CA SER B 32 -30.02 -20.42 5.28
C SER B 32 -29.82 -21.56 6.27
N ILE B 33 -28.77 -21.48 7.09
CA ILE B 33 -28.54 -22.55 8.06
C ILE B 33 -28.38 -21.92 9.47
N ASP B 34 -28.73 -22.70 10.50
CA ASP B 34 -28.66 -22.30 11.90
C ASP B 34 -27.77 -23.29 12.65
N LYS B 35 -27.74 -23.21 14.00
CA LYS B 35 -26.92 -24.06 14.86
C LYS B 35 -27.24 -25.53 14.72
N GLU B 36 -28.53 -25.88 14.51
CA GLU B 36 -28.97 -27.26 14.37
C GLU B 36 -28.34 -27.91 13.14
N ILE B 37 -28.33 -27.25 11.99
CA ILE B 37 -27.75 -27.78 10.75
C ILE B 37 -26.20 -27.85 10.88
N ILE B 38 -25.59 -26.78 11.45
CA ILE B 38 -24.15 -26.70 11.71
C ILE B 38 -23.73 -27.92 12.51
N LEU B 39 -24.41 -28.21 13.61
CA LEU B 39 -24.12 -29.37 14.47
C LEU B 39 -24.27 -30.68 13.72
N ASP B 40 -25.31 -30.82 12.89
CA ASP B 40 -25.53 -32.00 12.07
C ASP B 40 -24.40 -32.19 11.06
N ARG B 41 -23.90 -31.09 10.46
CA ARG B 41 -22.82 -31.16 9.46
C ARG B 41 -21.46 -31.49 10.11
N MSE B 42 -21.28 -31.07 11.38
CA MSE B 42 -20.06 -31.35 12.14
C MSE B 42 -19.93 -32.85 12.41
O MSE B 42 -18.87 -33.43 12.17
CB MSE B 42 -20.07 -30.56 13.46
CG MSE B 42 -19.78 -29.08 13.29
SE MSE B 42 -20.15 -28.10 14.94
CE MSE B 42 -18.59 -28.79 16.04
N VAL B 43 -21.03 -33.45 12.88
CA VAL B 43 -21.17 -34.89 13.16
C VAL B 43 -21.01 -35.69 11.84
N ALA B 44 -21.60 -35.20 10.74
CA ALA B 44 -21.47 -35.83 9.42
C ALA B 44 -19.96 -35.87 8.98
N LYS B 45 -19.21 -34.76 9.17
CA LYS B 45 -17.80 -34.67 8.82
C LYS B 45 -16.89 -35.45 9.75
N ASN B 46 -17.22 -35.49 11.04
CA ASN B 46 -16.38 -36.19 11.99
C ASN B 46 -17.26 -37.09 12.89
N PRO B 47 -17.46 -38.37 12.50
CA PRO B 47 -18.30 -39.29 13.31
C PRO B 47 -17.68 -39.63 14.68
N GLY B 48 -16.45 -39.16 14.92
CA GLY B 48 -15.75 -39.31 16.19
C GLY B 48 -16.28 -38.43 17.31
N VAL B 49 -17.00 -37.34 16.96
CA VAL B 49 -17.55 -36.39 17.94
C VAL B 49 -18.98 -36.80 18.34
N ARG B 50 -19.34 -36.51 19.60
CA ARG B 50 -20.68 -36.69 20.15
C ARG B 50 -21.42 -35.36 19.99
N ARG B 51 -22.59 -35.37 19.33
CA ARG B 51 -23.38 -34.18 19.00
C ARG B 51 -23.75 -33.35 20.26
N GLU B 52 -24.11 -34.01 21.37
CA GLU B 52 -24.48 -33.37 22.64
C GLU B 52 -23.29 -32.61 23.23
N THR B 53 -22.07 -33.16 23.10
CA THR B 53 -20.83 -32.54 23.58
C THR B 53 -20.51 -31.31 22.74
N MSE B 54 -20.74 -31.41 21.41
CA MSE B 54 -20.51 -30.32 20.48
C MSE B 54 -21.49 -29.19 20.73
O MSE B 54 -21.07 -28.04 20.70
CB MSE B 54 -20.65 -30.83 19.03
CG MSE B 54 -19.59 -31.88 18.65
SE MSE B 54 -17.77 -31.16 18.66
CE MSE B 54 -17.26 -31.45 20.55
N ALA B 55 -22.78 -29.51 20.99
CA ALA B 55 -23.85 -28.56 21.28
C ALA B 55 -23.54 -27.79 22.58
N LEU B 56 -23.11 -28.49 23.65
CA LEU B 56 -22.71 -27.89 24.91
C LEU B 56 -21.49 -26.95 24.70
N GLY B 57 -20.49 -27.39 23.94
CA GLY B 57 -19.30 -26.60 23.60
C GLY B 57 -19.63 -25.29 22.90
N ILE B 58 -20.58 -25.32 21.94
CA ILE B 58 -21.02 -24.13 21.19
C ILE B 58 -21.71 -23.15 22.17
N GLU B 59 -22.61 -23.62 23.07
CA GLU B 59 -23.26 -22.73 24.03
C GLU B 59 -22.23 -22.09 24.97
N LEU B 60 -21.24 -22.88 25.40
CA LEU B 60 -20.15 -22.48 26.29
C LEU B 60 -19.27 -21.45 25.60
N MSE B 61 -18.91 -21.70 24.33
CA MSE B 61 -18.08 -20.78 23.55
CA MSE B 61 -18.09 -20.78 23.54
C MSE B 61 -18.81 -19.42 23.36
O MSE B 61 -18.19 -18.39 23.51
CB MSE B 61 -17.70 -21.45 22.22
CB MSE B 61 -17.74 -21.38 22.17
CG MSE B 61 -16.84 -20.59 21.29
CG MSE B 61 -16.49 -20.76 21.55
SE MSE B 61 -17.96 -19.48 20.17
SE MSE B 61 -16.37 -20.95 19.62
CE MSE B 61 -18.86 -20.87 19.11
CE MSE B 61 -17.28 -19.35 19.11
N GLU B 62 -20.13 -19.45 23.08
CA GLU B 62 -20.95 -18.24 22.88
C GLU B 62 -21.04 -17.40 24.16
N GLU B 63 -21.19 -18.08 25.33
CA GLU B 63 -21.24 -17.44 26.65
CA GLU B 63 -21.25 -17.42 26.64
C GLU B 63 -19.93 -16.69 26.96
N VAL B 64 -18.80 -17.34 26.71
CA VAL B 64 -17.46 -16.76 26.94
C VAL B 64 -17.24 -15.56 26.04
N VAL B 65 -17.55 -15.70 24.74
CA VAL B 65 -17.37 -14.65 23.74
C VAL B 65 -18.29 -13.45 24.10
N ALA B 66 -19.58 -13.70 24.44
CA ALA B 66 -20.54 -12.63 24.78
C ALA B 66 -20.08 -11.86 26.03
N GLU B 67 -19.59 -12.56 27.08
CA GLU B 67 -19.07 -11.94 28.31
C GLU B 67 -17.81 -11.08 28.05
N ALA B 68 -16.89 -11.59 27.20
CA ALA B 68 -15.65 -10.91 26.82
C ALA B 68 -15.94 -9.61 26.10
N LEU B 69 -16.86 -9.64 25.12
CA LEU B 69 -17.26 -8.47 24.34
C LEU B 69 -17.93 -7.41 25.18
N MSE B 70 -18.81 -7.85 26.11
CA MSE B 70 -19.60 -6.98 26.97
C MSE B 70 -18.76 -6.45 28.14
O MSE B 70 -19.22 -5.55 28.83
CB MSE B 70 -20.87 -7.72 27.46
CG MSE B 70 -21.90 -7.90 26.35
SE MSE B 70 -22.30 -6.18 25.49
CE MSE B 70 -21.43 -6.42 23.79
N ASN B 71 -17.51 -6.90 28.27
CA ASN B 71 -16.60 -6.36 29.25
C ASN B 71 -15.43 -5.66 28.51
N GLY B 72 -15.66 -5.32 27.24
CA GLY B 72 -14.78 -4.46 26.46
C GLY B 72 -13.54 -5.04 25.85
N GLU B 73 -13.48 -6.37 25.76
CA GLU B 73 -12.37 -7.02 25.12
C GLU B 73 -12.66 -7.19 23.62
N SER B 74 -11.62 -7.15 22.81
CA SER B 74 -11.77 -7.50 21.41
C SER B 74 -11.64 -9.02 21.35
N VAL B 75 -12.48 -9.68 20.56
CA VAL B 75 -12.46 -11.13 20.51
C VAL B 75 -12.17 -11.60 19.11
N ASN B 76 -11.21 -12.48 18.95
CA ASN B 76 -10.86 -13.04 17.65
CA ASN B 76 -10.96 -13.03 17.63
C ASN B 76 -10.94 -14.56 17.66
N THR B 77 -11.66 -15.15 16.71
CA THR B 77 -11.73 -16.61 16.48
C THR B 77 -11.24 -16.75 15.03
N GLY B 78 -11.28 -17.93 14.45
CA GLY B 78 -10.92 -18.08 13.04
C GLY B 78 -12.01 -17.53 12.12
N LEU B 79 -13.26 -17.45 12.62
CA LEU B 79 -14.37 -16.96 11.82
C LEU B 79 -14.55 -15.46 11.85
N PHE B 80 -14.21 -14.81 12.96
CA PHE B 80 -14.45 -13.36 13.08
C PHE B 80 -13.59 -12.69 14.14
N ARG B 81 -13.54 -11.37 14.04
CA ARG B 81 -13.05 -10.47 15.07
C ARG B 81 -14.22 -9.57 15.47
N GLY B 82 -14.44 -9.44 16.77
CA GLY B 82 -15.50 -8.60 17.32
C GLY B 82 -14.97 -7.64 18.35
N VAL B 83 -15.65 -6.50 18.47
CA VAL B 83 -15.40 -5.48 19.46
C VAL B 83 -16.71 -4.68 19.64
N ALA B 84 -17.02 -4.30 20.89
CA ALA B 84 -18.16 -3.42 21.20
C ALA B 84 -17.91 -2.03 20.60
N GLN B 85 -19.00 -1.41 20.09
CA GLN B 85 -18.99 -0.05 19.54
C GLN B 85 -20.17 0.72 20.12
N PHE B 86 -20.14 2.05 20.03
CA PHE B 86 -21.19 2.95 20.52
C PHE B 86 -21.85 3.75 19.40
N ARG B 87 -23.16 4.00 19.56
CA ARG B 87 -23.88 4.86 18.60
C ARG B 87 -24.36 6.10 19.32
N GLY B 88 -24.48 7.19 18.58
CA GLY B 88 -24.99 8.45 19.08
C GLY B 88 -23.97 9.33 19.75
N VAL B 89 -24.34 10.60 19.84
CA VAL B 89 -23.61 11.72 20.43
C VAL B 89 -23.64 11.63 21.97
N ALA B 90 -22.56 12.08 22.63
CA ALA B 90 -22.50 12.26 24.07
C ALA B 90 -23.22 13.58 24.46
N LYS B 91 -24.43 13.47 25.04
CA LYS B 91 -25.20 14.64 25.50
C LYS B 91 -24.86 14.87 26.97
N GLN B 92 -24.34 16.07 27.27
CA GLN B 92 -23.94 16.51 28.61
C GLN B 92 -22.85 15.58 29.19
N ASN B 93 -21.95 15.08 28.32
CA ASN B 93 -20.79 14.24 28.68
C ASN B 93 -21.21 13.00 29.52
N ALA B 94 -22.39 12.42 29.20
CA ALA B 94 -22.95 11.29 29.91
C ALA B 94 -23.76 10.41 28.99
N TRP B 95 -23.72 9.12 29.28
CA TRP B 95 -24.47 8.14 28.52
C TRP B 95 -25.97 8.36 28.75
N ASP B 96 -26.71 8.46 27.66
CA ASP B 96 -28.17 8.61 27.63
C ASP B 96 -28.74 7.39 26.91
N ALA B 97 -29.36 6.47 27.68
CA ALA B 97 -29.93 5.21 27.22
C ALA B 97 -30.98 5.37 26.11
N ALA B 98 -31.61 6.56 26.02
CA ALA B 98 -32.63 6.84 25.02
C ALA B 98 -32.05 7.28 23.66
N THR B 99 -30.76 7.72 23.63
CA THR B 99 -30.13 8.18 22.38
CA THR B 99 -30.07 8.25 22.45
C THR B 99 -28.88 7.38 22.06
N ASN B 100 -28.24 6.78 23.07
CA ASN B 100 -27.04 5.97 22.86
C ASN B 100 -27.32 4.50 22.95
N SER B 101 -26.58 3.72 22.17
CA SER B 101 -26.69 2.27 22.14
C SER B 101 -25.33 1.62 21.90
N ILE B 102 -25.26 0.34 22.28
CA ILE B 102 -24.15 -0.55 22.11
C ILE B 102 -24.50 -1.54 21.01
N TYR B 103 -23.50 -1.89 20.19
CA TYR B 103 -23.59 -2.95 19.21
C TYR B 103 -22.20 -3.56 19.15
N VAL B 104 -22.11 -4.72 18.50
CA VAL B 104 -20.83 -5.38 18.32
C VAL B 104 -20.55 -5.33 16.83
N SER B 105 -19.42 -4.77 16.49
CA SER B 105 -18.94 -4.71 15.11
C SER B 105 -18.17 -6.00 14.82
N LEU B 106 -18.53 -6.70 13.72
CA LEU B 106 -17.90 -7.96 13.41
C LEU B 106 -17.23 -7.92 12.05
N THR B 107 -16.03 -8.50 11.98
CA THR B 107 -15.30 -8.56 10.72
C THR B 107 -14.87 -10.02 10.50
N GLN B 108 -14.69 -10.45 9.24
CA GLN B 108 -14.30 -11.83 8.93
C GLN B 108 -12.90 -12.15 9.51
N GLY B 109 -12.74 -13.37 10.00
CA GLY B 109 -11.47 -13.85 10.56
C GLY B 109 -10.63 -14.59 9.52
N LYS B 110 -9.51 -15.14 9.98
CA LYS B 110 -8.54 -15.85 9.15
C LYS B 110 -9.14 -17.07 8.41
N ALA B 111 -9.97 -17.89 9.08
CA ALA B 111 -10.57 -19.10 8.47
C ALA B 111 -11.42 -18.73 7.26
N LEU B 112 -12.12 -17.57 7.30
CA LEU B 112 -12.93 -17.10 6.20
C LEU B 112 -12.06 -16.55 5.10
N ARG B 113 -10.99 -15.80 5.45
CA ARG B 113 -10.08 -15.24 4.46
C ARG B 113 -9.39 -16.38 3.65
N GLU B 114 -8.94 -17.46 4.33
CA GLU B 114 -8.31 -18.62 3.69
C GLU B 114 -9.33 -19.33 2.80
N ALA B 115 -10.57 -19.51 3.28
CA ALA B 115 -11.67 -20.15 2.50
C ALA B 115 -11.99 -19.34 1.22
N ILE B 116 -11.97 -17.98 1.30
CA ILE B 116 -12.19 -17.07 0.15
C ILE B 116 -11.13 -17.34 -0.93
N LYS B 117 -9.88 -17.69 -0.54
CA LYS B 117 -8.79 -18.03 -1.47
C LYS B 117 -9.13 -19.26 -2.32
N ASP B 118 -9.86 -20.25 -1.73
CA ASP B 118 -10.29 -21.49 -2.43
C ASP B 118 -11.68 -21.34 -3.04
N THR B 119 -12.12 -20.12 -3.33
CA THR B 119 -13.45 -19.93 -3.87
C THR B 119 -13.38 -19.16 -5.17
N ARG B 120 -14.07 -19.68 -6.20
CA ARG B 120 -14.22 -19.03 -7.49
C ARG B 120 -15.67 -18.50 -7.63
N VAL B 121 -15.84 -17.43 -8.38
CA VAL B 121 -17.14 -16.81 -8.65
C VAL B 121 -17.58 -17.21 -10.05
N ASP B 122 -18.76 -17.88 -10.14
CA ASP B 122 -19.37 -18.31 -11.38
C ASP B 122 -20.44 -17.28 -11.75
N VAL B 123 -20.10 -16.38 -12.71
CA VAL B 123 -20.98 -15.29 -13.17
C VAL B 123 -22.05 -15.89 -14.10
N LEU B 124 -23.32 -15.74 -13.72
CA LEU B 124 -24.48 -16.28 -14.45
C LEU B 124 -25.02 -15.29 -15.49
N GLY B 125 -24.46 -14.08 -15.50
CA GLY B 125 -24.87 -12.99 -16.37
C GLY B 125 -25.93 -12.15 -15.71
N GLU B 126 -26.84 -11.56 -16.51
CA GLU B 126 -27.94 -10.74 -16.00
C GLU B 126 -29.12 -11.62 -15.64
N ARG B 127 -29.94 -11.19 -14.65
CA ARG B 127 -31.12 -11.91 -14.19
C ARG B 127 -32.11 -12.11 -15.35
N PRO B 128 -32.73 -13.31 -15.49
CA PRO B 128 -33.60 -13.58 -16.65
C PRO B 128 -34.81 -12.65 -16.79
N THR B 129 -35.44 -12.25 -15.65
CA THR B 129 -36.63 -11.41 -15.62
C THR B 129 -36.28 -9.99 -15.14
N LYS B 130 -37.14 -9.01 -15.49
CA LYS B 130 -36.98 -7.62 -15.06
C LYS B 130 -37.94 -7.33 -13.86
N PHE B 131 -38.00 -8.28 -12.92
CA PHE B 131 -38.78 -8.24 -11.69
C PHE B 131 -38.03 -9.01 -10.63
N TYR B 132 -37.27 -8.27 -9.81
CA TYR B 132 -36.41 -8.85 -8.79
C TYR B 132 -35.99 -7.79 -7.78
N ILE B 133 -35.48 -8.28 -6.64
CA ILE B 133 -34.88 -7.54 -5.55
C ILE B 133 -33.37 -7.62 -5.78
N GLY B 134 -32.75 -6.49 -6.11
CA GLY B 134 -31.32 -6.39 -6.39
C GLY B 134 -30.45 -6.23 -5.16
N SER B 135 -30.79 -5.23 -4.34
CA SER B 135 -30.09 -4.92 -3.10
C SER B 135 -31.05 -4.38 -2.04
N GLY B 136 -30.52 -4.17 -0.85
CA GLY B 136 -31.27 -3.69 0.29
C GLY B 136 -30.45 -2.80 1.20
N GLN B 137 -31.11 -1.98 2.04
CA GLN B 137 -30.39 -1.14 2.98
C GLN B 137 -31.19 -0.93 4.27
N ASP B 138 -30.53 -1.18 5.41
CA ASP B 138 -31.10 -0.99 6.73
C ASP B 138 -30.85 0.45 7.15
N ALA B 139 -31.91 1.16 7.62
CA ALA B 139 -31.82 2.57 7.97
C ALA B 139 -31.01 2.78 9.24
N THR B 140 -31.18 1.90 10.22
CA THR B 140 -30.54 1.99 11.53
C THR B 140 -29.05 1.73 11.46
N THR B 141 -28.61 0.64 10.80
CA THR B 141 -27.18 0.26 10.78
C THR B 141 -26.49 0.71 9.48
N ARG B 142 -27.28 1.00 8.42
CA ARG B 142 -26.82 1.35 7.06
C ARG B 142 -26.18 0.10 6.38
N ALA B 143 -26.35 -1.11 6.96
CA ALA B 143 -25.84 -2.35 6.35
C ALA B 143 -26.56 -2.62 5.01
N THR B 144 -25.80 -3.19 4.05
CA THR B 144 -26.26 -3.55 2.70
C THR B 144 -26.11 -5.04 2.46
N ASP B 145 -26.00 -5.84 3.52
CA ASP B 145 -25.85 -7.29 3.40
C ASP B 145 -27.21 -8.04 3.63
N PHE B 146 -28.35 -7.30 3.60
CA PHE B 146 -29.70 -7.80 3.82
C PHE B 146 -29.95 -8.20 5.28
N SER B 147 -29.18 -7.60 6.21
CA SER B 147 -29.43 -7.66 7.64
C SER B 147 -30.30 -6.44 7.94
N ALA B 148 -31.27 -6.56 8.84
CA ALA B 148 -32.24 -5.51 9.11
C ALA B 148 -32.61 -5.43 10.58
N THR B 149 -33.20 -4.30 10.98
CA THR B 149 -33.63 -4.03 12.35
C THR B 149 -35.17 -4.02 12.45
N ALA B 150 -35.74 -4.88 13.31
CA ALA B 150 -37.18 -4.94 13.60
C ALA B 150 -37.65 -3.61 14.18
N GLY B 151 -38.83 -3.16 13.79
CA GLY B 151 -39.40 -1.89 14.24
C GLY B 151 -38.77 -0.68 13.58
N ARG B 152 -37.92 -0.90 12.56
CA ARG B 152 -37.21 0.18 11.88
CA ARG B 152 -37.21 0.18 11.87
C ARG B 152 -37.36 0.04 10.36
N ASN B 153 -36.88 1.03 9.60
CA ASN B 153 -37.04 1.04 8.16
C ASN B 153 -35.99 0.24 7.41
N PHE B 154 -36.44 -0.32 6.30
CA PHE B 154 -35.63 -1.10 5.40
C PHE B 154 -35.94 -0.67 3.97
N THR B 155 -34.89 -0.54 3.13
CA THR B 155 -35.05 -0.16 1.73
C THR B 155 -34.67 -1.34 0.81
N LEU B 156 -35.52 -1.64 -0.15
CA LEU B 156 -35.31 -2.64 -1.18
C LEU B 156 -35.10 -1.98 -2.52
N PHE B 157 -33.98 -2.29 -3.21
CA PHE B 157 -33.72 -1.75 -4.54
C PHE B 157 -33.92 -2.86 -5.55
N GLY B 158 -34.47 -2.53 -6.71
CA GLY B 158 -34.66 -3.56 -7.73
C GLY B 158 -35.34 -3.08 -8.99
N LYS B 159 -36.15 -3.98 -9.59
CA LYS B 159 -36.88 -3.73 -10.83
C LYS B 159 -38.34 -4.10 -10.68
N ASN B 160 -39.21 -3.13 -11.04
CA ASN B 160 -40.68 -3.19 -11.05
C ASN B 160 -41.23 -3.80 -9.75
N LEU B 161 -40.81 -3.23 -8.62
CA LEU B 161 -41.15 -3.67 -7.27
C LEU B 161 -42.44 -3.00 -6.73
N THR B 162 -43.02 -1.99 -7.45
CA THR B 162 -44.22 -1.25 -7.02
C THR B 162 -45.32 -2.21 -6.58
N VAL B 163 -45.83 -2.04 -5.35
CA VAL B 163 -46.92 -2.86 -4.83
C VAL B 163 -48.25 -2.26 -5.34
N ALA B 164 -48.94 -2.97 -6.22
CA ALA B 164 -50.20 -2.49 -6.83
C ALA B 164 -51.14 -3.64 -7.14
N GLY B 165 -52.44 -3.35 -7.24
CA GLY B 165 -53.44 -4.35 -7.53
C GLY B 165 -54.49 -4.55 -6.45
N THR B 166 -55.66 -5.01 -6.88
CA THR B 166 -56.86 -5.28 -6.07
C THR B 166 -56.77 -6.58 -5.25
N ASP B 167 -56.05 -7.59 -5.76
CA ASP B 167 -55.92 -8.89 -5.13
C ASP B 167 -55.42 -8.76 -3.66
N PRO B 168 -56.08 -9.46 -2.70
CA PRO B 168 -55.69 -9.36 -1.28
C PRO B 168 -54.29 -9.94 -0.97
N SER B 169 -53.68 -10.75 -1.88
CA SER B 169 -52.34 -11.32 -1.67
C SER B 169 -51.20 -10.29 -1.93
N VAL B 170 -51.50 -9.19 -2.64
CA VAL B 170 -50.57 -8.11 -3.00
C VAL B 170 -50.00 -7.48 -1.71
N GLY B 171 -48.68 -7.28 -1.68
CA GLY B 171 -47.98 -6.73 -0.53
C GLY B 171 -46.65 -7.38 -0.22
N VAL B 172 -46.10 -7.02 0.94
CA VAL B 172 -44.81 -7.53 1.40
C VAL B 172 -45.06 -8.47 2.58
N THR B 173 -44.43 -9.67 2.52
CA THR B 173 -44.49 -10.71 3.53
C THR B 173 -43.09 -11.13 3.96
N LEU B 174 -43.01 -11.65 5.18
CA LEU B 174 -41.81 -12.23 5.78
C LEU B 174 -42.14 -13.60 6.27
N ALA B 175 -41.43 -14.61 5.77
CA ALA B 175 -41.66 -15.98 6.20
C ALA B 175 -40.46 -16.43 7.02
N SER B 176 -40.71 -16.80 8.28
CA SER B 176 -39.69 -17.24 9.24
C SER B 176 -38.99 -18.56 8.78
N ALA B 177 -37.65 -18.57 8.67
CA ALA B 177 -36.91 -19.79 8.35
C ALA B 177 -37.06 -20.84 9.47
N ALA B 178 -37.19 -20.39 10.74
CA ALA B 178 -37.33 -21.29 11.89
C ALA B 178 -38.68 -22.00 11.92
N THR B 179 -39.81 -21.26 11.73
CA THR B 179 -41.14 -21.89 11.83
C THR B 179 -41.99 -21.93 10.53
N GLY B 180 -41.66 -21.08 9.56
CA GLY B 180 -42.45 -20.95 8.34
C GLY B 180 -43.58 -19.95 8.47
N THR B 181 -43.72 -19.34 9.66
CA THR B 181 -44.78 -18.38 9.96
C THR B 181 -44.59 -17.15 9.07
N VAL B 182 -45.69 -16.74 8.42
CA VAL B 182 -45.70 -15.61 7.50
C VAL B 182 -46.28 -14.39 8.24
N THR B 183 -45.59 -13.26 8.15
CA THR B 183 -46.01 -11.97 8.70
C THR B 183 -46.26 -11.06 7.53
N LYS B 184 -47.47 -10.58 7.34
CA LYS B 184 -47.68 -9.65 6.27
C LYS B 184 -47.54 -8.23 6.83
N ILE B 185 -46.73 -7.43 6.16
CA ILE B 185 -46.54 -6.02 6.49
C ILE B 185 -47.80 -5.28 6.00
N ASP B 186 -48.40 -4.45 6.87
CA ASP B 186 -49.57 -3.66 6.49
C ASP B 186 -49.17 -2.73 5.34
N ASN B 187 -50.03 -2.61 4.33
CA ASN B 187 -49.78 -1.81 3.13
C ASN B 187 -49.45 -0.37 3.45
N ASP B 188 -49.93 0.18 4.60
CA ASP B 188 -49.63 1.57 4.98
C ASP B 188 -48.17 1.69 5.50
N MSE B 189 -47.51 0.53 5.84
CA MSE B 189 -46.12 0.51 6.30
CA MSE B 189 -46.12 0.46 6.31
C MSE B 189 -45.18 0.44 5.10
O MSE B 189 -43.96 0.33 5.25
CB MSE B 189 -45.90 -0.63 7.29
CB MSE B 189 -45.85 -0.73 7.26
CG MSE B 189 -46.81 -0.51 8.51
CG MSE B 189 -46.77 -0.79 8.48
SE MSE B 189 -46.44 1.06 9.62
SE MSE B 189 -45.86 -0.90 10.22
CE MSE B 189 -47.49 2.57 8.80
CE MSE B 189 -44.94 -2.55 10.06
N ILE B 190 -45.74 0.56 3.87
CA ILE B 190 -44.99 0.71 2.63
C ILE B 190 -44.93 2.23 2.50
N VAL B 191 -43.78 2.84 2.83
CA VAL B 191 -43.62 4.30 2.89
C VAL B 191 -43.28 4.90 1.50
N LEU B 192 -42.45 4.21 0.73
CA LEU B 192 -42.05 4.59 -0.63
C LEU B 192 -42.32 3.40 -1.51
N ASN B 193 -43.17 3.60 -2.52
CA ASN B 193 -43.63 2.53 -3.42
C ASN B 193 -43.25 2.79 -4.90
N GLU B 194 -41.96 2.83 -5.19
CA GLU B 194 -41.45 3.10 -6.54
C GLU B 194 -41.00 1.79 -7.24
N PRO B 195 -40.98 1.73 -8.61
CA PRO B 195 -40.55 0.49 -9.30
C PRO B 195 -39.13 0.04 -8.93
N SER B 196 -38.17 0.98 -8.82
CA SER B 196 -36.77 0.63 -8.53
C SER B 196 -36.42 0.62 -7.03
N ARG B 197 -37.35 1.06 -6.15
CA ARG B 197 -37.07 1.16 -4.73
C ARG B 197 -38.33 1.18 -3.84
N LEU B 198 -38.34 0.29 -2.85
CA LEU B 198 -39.36 0.23 -1.81
C LEU B 198 -38.76 0.59 -0.47
N ILE B 199 -39.45 1.44 0.29
CA ILE B 199 -39.09 1.73 1.68
C ILE B 199 -40.22 1.18 2.53
N ILE B 200 -39.87 0.28 3.44
CA ILE B 200 -40.86 -0.32 4.32
C ILE B 200 -40.49 -0.07 5.76
N LEU B 201 -41.49 -0.14 6.65
CA LEU B 201 -41.30 -0.13 8.11
C LEU B 201 -41.49 -1.55 8.57
N LEU B 202 -40.48 -2.14 9.19
CA LEU B 202 -40.60 -3.52 9.66
C LEU B 202 -41.34 -3.60 10.99
N PRO B 203 -42.28 -4.55 11.22
CA PRO B 203 -42.91 -4.66 12.57
C PRO B 203 -41.86 -4.93 13.67
N ALA B 204 -42.14 -4.41 14.88
CA ALA B 204 -41.26 -4.47 16.05
C ALA B 204 -41.24 -5.84 16.72
N SER B 205 -42.32 -6.60 16.58
CA SER B 205 -42.54 -7.90 17.22
C SER B 205 -41.80 -9.09 16.55
N LEU B 206 -41.09 -8.87 15.41
CA LEU B 206 -40.36 -9.93 14.71
C LEU B 206 -39.22 -10.47 15.56
N GLU B 207 -39.20 -11.80 15.72
CA GLU B 207 -38.16 -12.53 16.43
C GLU B 207 -36.90 -12.57 15.58
N ASP B 208 -35.72 -12.48 16.23
CA ASP B 208 -34.42 -12.53 15.56
C ASP B 208 -34.31 -13.77 14.67
N GLY B 209 -33.66 -13.61 13.52
CA GLY B 209 -33.44 -14.72 12.64
C GLY B 209 -33.63 -14.40 11.18
N GLU B 210 -33.35 -15.39 10.36
CA GLU B 210 -33.50 -15.33 8.94
C GLU B 210 -34.99 -15.48 8.55
N TYR B 211 -35.39 -14.73 7.53
CA TYR B 211 -36.72 -14.71 6.92
C TYR B 211 -36.59 -14.67 5.42
N MSE B 212 -37.62 -15.17 4.72
CA MSE B 212 -37.74 -15.01 3.29
C MSE B 212 -38.68 -13.83 3.07
O MSE B 212 -39.82 -13.87 3.54
CB MSE B 212 -38.21 -16.29 2.58
CG MSE B 212 -38.20 -16.18 1.04
SE MSE B 212 -36.40 -15.79 0.32
CE MSE B 212 -35.36 -17.27 1.03
N LEU B 213 -38.14 -12.72 2.51
CA LEU B 213 -38.91 -11.53 2.21
C LEU B 213 -39.48 -11.67 0.78
N THR B 214 -40.79 -11.47 0.62
CA THR B 214 -41.45 -11.59 -0.68
C THR B 214 -42.26 -10.34 -0.97
N VAL B 215 -42.13 -9.85 -2.23
CA VAL B 215 -42.87 -8.74 -2.83
C VAL B 215 -43.86 -9.36 -3.81
N THR B 216 -45.17 -9.27 -3.53
CA THR B 216 -46.22 -9.79 -4.40
C THR B 216 -46.99 -8.59 -4.98
N THR B 217 -47.13 -8.54 -6.32
CA THR B 217 -47.77 -7.39 -6.93
C THR B 217 -48.37 -7.75 -8.28
N GLN B 218 -49.35 -6.92 -8.73
CA GLN B 218 -49.99 -7.04 -10.04
C GLN B 218 -49.49 -5.91 -10.98
N TYR B 219 -48.45 -5.18 -10.53
CA TYR B 219 -47.80 -4.11 -11.28
C TYR B 219 -46.98 -4.73 -12.40
N ARG B 220 -47.26 -4.33 -13.65
CA ARG B 220 -46.60 -4.79 -14.88
C ARG B 220 -45.36 -3.96 -15.21
N GLY B 221 -44.33 -4.62 -15.74
CA GLY B 221 -43.08 -4.00 -16.18
C GLY B 221 -43.28 -2.76 -17.04
N GLY B 222 -42.77 -1.63 -16.54
CA GLY B 222 -42.87 -0.31 -17.17
C GLY B 222 -44.30 0.16 -17.29
N GLY B 223 -44.66 0.63 -18.49
CA GLY B 223 -46.00 1.06 -18.81
C GLY B 223 -46.88 -0.15 -19.05
N GLY B 224 -48.17 -0.03 -18.77
CA GLY B 224 -49.08 -1.14 -18.99
C GLY B 224 -50.12 -1.37 -17.92
N ALA B 225 -51.19 -2.10 -18.32
CA ALA B 225 -52.33 -2.49 -17.47
C ALA B 225 -51.89 -3.46 -16.37
N LEU B 226 -52.58 -3.40 -15.21
CA LEU B 226 -52.30 -4.30 -14.10
C LEU B 226 -52.51 -5.74 -14.52
N LEU B 227 -51.61 -6.63 -14.06
CA LEU B 227 -51.65 -8.07 -14.32
C LEU B 227 -52.88 -8.66 -13.68
N LYS B 228 -53.53 -9.62 -14.36
CA LYS B 228 -54.72 -10.30 -13.84
C LYS B 228 -54.32 -11.10 -12.59
N THR B 229 -53.19 -11.81 -12.69
CA THR B 229 -52.65 -12.68 -11.64
C THR B 229 -51.42 -12.00 -11.00
N PRO B 230 -51.31 -11.98 -9.64
CA PRO B 230 -50.11 -11.37 -9.02
C PRO B 230 -48.86 -12.22 -9.18
N ARG B 231 -47.69 -11.56 -9.25
CA ARG B 231 -46.41 -12.24 -9.36
C ARG B 231 -45.58 -11.87 -8.12
N SER B 232 -44.60 -12.71 -7.79
CA SER B 232 -43.78 -12.63 -6.60
C SER B 232 -42.32 -12.76 -6.89
N THR B 233 -41.52 -12.01 -6.11
CA THR B 233 -40.08 -12.04 -6.16
C THR B 233 -39.64 -11.98 -4.69
N SER B 234 -38.55 -12.68 -4.39
CA SER B 234 -38.08 -12.84 -3.02
C SER B 234 -36.60 -12.57 -2.86
N HIS B 235 -36.20 -12.41 -1.59
CA HIS B 235 -34.83 -12.25 -1.16
C HIS B 235 -34.78 -12.64 0.31
N THR B 236 -33.70 -13.32 0.72
CA THR B 236 -33.52 -13.70 2.11
C THR B 236 -33.16 -12.44 2.93
N ILE B 237 -33.49 -12.43 4.22
CA ILE B 237 -33.23 -11.27 5.07
C ILE B 237 -32.98 -11.74 6.50
N TYR B 238 -31.99 -11.13 7.14
CA TYR B 238 -31.78 -11.41 8.55
C TYR B 238 -32.40 -10.28 9.35
N ILE B 239 -33.25 -10.61 10.28
CA ILE B 239 -33.86 -9.56 11.11
C ILE B 239 -33.31 -9.67 12.53
N GLY B 240 -32.80 -8.54 13.02
CA GLY B 240 -32.29 -8.43 14.37
C GLY B 240 -33.37 -7.76 15.19
N GLY B 241 -33.56 -8.23 16.42
CA GLY B 241 -34.57 -7.74 17.35
C GLY B 241 -34.60 -6.23 17.49
N ALA B 242 -35.79 -5.70 17.76
CA ALA B 242 -36.11 -4.28 17.93
C ALA B 242 -35.13 -3.58 18.88
N PRO B 243 -34.69 -2.32 18.60
CA PRO B 243 -33.79 -1.64 19.56
C PRO B 243 -34.50 -1.30 20.89
N GLU B 244 -33.71 -1.20 21.99
CA GLU B 244 -34.22 -0.91 23.34
C GLU B 244 -34.67 0.55 23.47
N ALA C 2 23.50 26.01 -28.27
CA ALA C 2 22.93 24.76 -27.77
C ALA C 2 22.06 24.10 -28.86
N LYS C 3 22.39 22.82 -29.16
CA LYS C 3 21.70 22.00 -30.16
C LYS C 3 20.41 21.38 -29.57
N ASN C 4 20.30 21.34 -28.23
CA ASN C 4 19.15 20.74 -27.53
C ASN C 4 18.38 21.78 -26.72
N VAL C 5 17.05 21.59 -26.61
CA VAL C 5 16.20 22.52 -25.86
C VAL C 5 15.25 21.76 -24.92
N LEU C 6 15.22 22.20 -23.66
CA LEU C 6 14.29 21.70 -22.66
C LEU C 6 13.30 22.80 -22.38
N LYS C 7 12.01 22.46 -22.28
CA LYS C 7 10.98 23.45 -21.98
C LYS C 7 10.61 23.35 -20.52
N ALA C 8 10.55 24.49 -19.81
CA ALA C 8 10.23 24.44 -18.38
C ALA C 8 9.15 25.43 -17.98
N TRP C 9 8.24 24.98 -17.10
CA TRP C 9 7.20 25.77 -16.45
C TRP C 9 7.71 26.28 -15.11
N LEU C 10 7.12 27.37 -14.59
CA LEU C 10 7.40 27.89 -13.25
C LEU C 10 6.26 27.48 -12.35
N VAL C 11 6.56 26.80 -11.24
CA VAL C 11 5.55 26.28 -10.31
C VAL C 11 5.90 26.68 -8.84
N ASP C 12 5.50 25.84 -7.84
CA ASP C 12 5.75 26.07 -6.42
C ASP C 12 6.32 24.80 -5.77
N THR C 21 7.53 33.63 -1.30
CA THR C 21 8.38 32.48 -1.60
C THR C 21 8.93 32.62 -3.06
N ASP C 22 9.75 31.66 -3.51
CA ASP C 22 10.38 31.64 -4.84
C ASP C 22 10.05 30.32 -5.59
N LYS C 23 9.77 30.45 -6.91
CA LYS C 23 9.32 29.40 -7.83
C LYS C 23 10.42 28.37 -8.17
N ILE C 24 9.98 27.17 -8.62
CA ILE C 24 10.86 26.08 -9.07
C ILE C 24 10.50 25.71 -10.53
N PHE C 25 11.47 25.16 -11.27
CA PHE C 25 11.30 24.77 -12.66
C PHE C 25 10.76 23.36 -12.80
N GLN C 26 9.71 23.20 -13.61
CA GLN C 26 9.09 21.90 -13.91
C GLN C 26 9.24 21.65 -15.39
N LEU C 27 9.77 20.47 -15.74
CA LEU C 27 9.95 20.10 -17.13
C LEU C 27 8.61 19.84 -17.81
N GLU C 28 8.45 20.38 -19.02
CA GLU C 28 7.32 20.05 -19.86
C GLU C 28 7.78 18.78 -20.60
N THR C 29 7.32 17.62 -20.11
CA THR C 29 7.65 16.31 -20.67
C THR C 29 6.34 15.60 -21.02
N THR C 30 6.06 15.48 -22.31
CA THR C 30 4.85 14.81 -22.75
C THR C 30 5.16 13.40 -23.31
N ARG C 31 6.32 13.23 -23.99
CA ARG C 31 6.66 12.02 -24.74
C ARG C 31 7.62 11.11 -24.04
N SER C 32 7.45 9.83 -24.34
CA SER C 32 8.26 8.76 -23.82
C SER C 32 8.73 7.86 -24.94
N ILE C 33 9.93 7.29 -24.80
CA ILE C 33 10.45 6.35 -25.79
C ILE C 33 10.92 5.10 -25.03
N ASP C 34 10.82 3.95 -25.67
CA ASP C 34 11.22 2.66 -25.12
C ASP C 34 12.27 2.03 -26.08
N LYS C 35 12.69 0.75 -25.87
CA LYS C 35 13.74 0.10 -26.68
C LYS C 35 13.44 0.11 -28.17
N GLU C 36 12.17 -0.12 -28.54
CA GLU C 36 11.72 -0.20 -29.92
C GLU C 36 11.95 1.12 -30.64
N ILE C 37 11.55 2.26 -30.03
CA ILE C 37 11.75 3.58 -30.61
C ILE C 37 13.28 3.92 -30.62
N ILE C 38 14.05 3.52 -29.60
CA ILE C 38 15.50 3.72 -29.57
C ILE C 38 16.12 3.00 -30.77
N LEU C 39 15.69 1.75 -31.06
CA LEU C 39 16.15 0.97 -32.21
C LEU C 39 15.82 1.67 -33.52
N ASP C 40 14.57 2.18 -33.67
CA ASP C 40 14.14 2.96 -34.84
C ASP C 40 15.08 4.14 -35.12
N ARG C 41 15.41 4.88 -34.07
CA ARG C 41 16.25 6.07 -34.18
C ARG C 41 17.70 5.70 -34.45
N MSE C 42 18.13 4.49 -34.05
CA MSE C 42 19.50 4.02 -34.32
C MSE C 42 19.63 3.64 -35.77
O MSE C 42 20.68 3.87 -36.36
CB MSE C 42 19.90 2.82 -33.43
CG MSE C 42 20.10 3.16 -31.95
SE MSE C 42 20.09 1.55 -30.80
CE MSE C 42 21.79 0.68 -31.44
N VAL C 43 18.55 3.05 -36.35
CA VAL C 43 18.44 2.64 -37.75
C VAL C 43 18.47 3.91 -38.64
N ALA C 44 17.79 4.98 -38.20
CA ALA C 44 17.67 6.25 -38.89
C ALA C 44 19.02 6.99 -38.96
N LYS C 45 20.05 6.48 -38.26
CA LYS C 45 21.40 7.04 -38.26
C LYS C 45 22.30 6.35 -39.28
N ASN C 46 21.71 5.47 -40.13
CA ASN C 46 22.34 4.69 -41.21
C ASN C 46 23.65 4.01 -40.72
N PRO C 47 23.60 3.15 -39.69
CA PRO C 47 24.83 2.52 -39.18
C PRO C 47 25.51 1.54 -40.15
N GLY C 48 24.75 0.97 -41.08
CA GLY C 48 25.24 -0.04 -42.01
C GLY C 48 25.07 -1.43 -41.41
N VAL C 49 24.35 -1.50 -40.29
CA VAL C 49 24.09 -2.68 -39.45
C VAL C 49 22.59 -2.97 -39.41
N ARG C 50 22.22 -4.26 -39.56
CA ARG C 50 20.84 -4.77 -39.49
C ARG C 50 20.22 -4.48 -38.10
N ARG C 51 18.96 -4.05 -38.09
CA ARG C 51 18.20 -3.74 -36.89
C ARG C 51 18.25 -4.92 -35.88
N GLU C 52 18.08 -6.16 -36.36
CA GLU C 52 18.09 -7.38 -35.56
C GLU C 52 19.45 -7.58 -34.86
N THR C 53 20.56 -7.29 -35.55
CA THR C 53 21.90 -7.39 -34.97
C THR C 53 22.05 -6.35 -33.82
N MSE C 54 21.50 -5.14 -33.99
CA MSE C 54 21.57 -4.09 -32.98
C MSE C 54 20.65 -4.43 -31.80
O MSE C 54 21.07 -4.24 -30.64
CB MSE C 54 21.21 -2.73 -33.57
CG MSE C 54 22.29 -2.23 -34.50
SE MSE C 54 22.12 -0.40 -35.10
CE MSE C 54 20.55 -0.59 -36.19
N ALA C 55 19.45 -4.99 -32.08
CA ALA C 55 18.51 -5.44 -31.04
C ALA C 55 19.17 -6.50 -30.16
N LEU C 56 19.89 -7.46 -30.78
CA LEU C 56 20.65 -8.52 -30.10
C LEU C 56 21.75 -7.92 -29.22
N GLY C 57 22.44 -6.90 -29.72
CA GLY C 57 23.50 -6.21 -28.99
C GLY C 57 23.01 -5.58 -27.70
N ILE C 58 21.82 -4.94 -27.74
CA ILE C 58 21.18 -4.30 -26.60
C ILE C 58 20.81 -5.34 -25.58
N GLU C 59 20.26 -6.51 -25.99
CA GLU C 59 19.85 -7.53 -25.02
C GLU C 59 21.05 -8.13 -24.31
N LEU C 60 22.14 -8.34 -25.04
CA LEU C 60 23.38 -8.90 -24.58
C LEU C 60 24.08 -7.94 -23.60
N MSE C 61 24.06 -6.64 -23.92
CA MSE C 61 24.66 -5.65 -23.05
CA MSE C 61 24.65 -5.61 -23.07
C MSE C 61 23.90 -5.58 -21.71
O MSE C 61 24.53 -5.49 -20.67
CB MSE C 61 24.71 -4.27 -23.70
CB MSE C 61 24.60 -4.27 -23.82
CG MSE C 61 25.59 -3.31 -22.89
CG MSE C 61 25.20 -3.09 -23.06
SE MSE C 61 25.25 -1.43 -23.13
SE MSE C 61 23.85 -2.35 -21.89
CE MSE C 61 23.33 -1.39 -22.55
CE MSE C 61 24.69 -0.64 -21.48
N GLU C 62 22.56 -5.65 -21.75
CA GLU C 62 21.67 -5.61 -20.58
C GLU C 62 21.87 -6.83 -19.71
N GLU C 63 22.15 -7.99 -20.31
CA GLU C 63 22.41 -9.24 -19.58
CA GLU C 63 22.39 -9.23 -19.56
C GLU C 63 23.72 -9.14 -18.81
N VAL C 64 24.77 -8.66 -19.48
CA VAL C 64 26.11 -8.50 -18.92
C VAL C 64 26.07 -7.48 -17.74
N VAL C 65 25.38 -6.34 -17.94
CA VAL C 65 25.27 -5.26 -16.96
C VAL C 65 24.46 -5.74 -15.74
N ALA C 66 23.27 -6.37 -15.94
CA ALA C 66 22.45 -6.89 -14.83
C ALA C 66 23.20 -7.95 -14.01
N GLU C 67 23.95 -8.87 -14.67
CA GLU C 67 24.73 -9.91 -13.98
C GLU C 67 25.84 -9.31 -13.17
N ALA C 68 26.56 -8.31 -13.73
CA ALA C 68 27.65 -7.60 -13.04
C ALA C 68 27.13 -6.95 -11.76
N LEU C 69 26.01 -6.22 -11.86
CA LEU C 69 25.36 -5.54 -10.73
C LEU C 69 24.90 -6.49 -9.65
N MSE C 70 24.34 -7.67 -10.04
CA MSE C 70 23.85 -8.68 -9.09
C MSE C 70 24.98 -9.53 -8.54
O MSE C 70 24.76 -10.40 -7.71
CB MSE C 70 22.75 -9.54 -9.73
CG MSE C 70 21.43 -8.78 -9.97
SE MSE C 70 20.81 -7.77 -8.40
CE MSE C 70 21.37 -5.96 -8.87
N ASN C 71 26.21 -9.23 -8.94
CA ASN C 71 27.38 -9.89 -8.40
C ASN C 71 28.25 -8.86 -7.67
N GLY C 72 27.65 -7.73 -7.32
CA GLY C 72 28.31 -6.69 -6.52
C GLY C 72 29.36 -5.85 -7.20
N GLU C 73 29.34 -5.81 -8.53
CA GLU C 73 30.25 -4.95 -9.27
C GLU C 73 29.59 -3.62 -9.52
N SER C 74 30.40 -2.54 -9.60
CA SER C 74 29.86 -1.25 -10.02
C SER C 74 30.04 -1.21 -11.52
N VAL C 75 29.09 -0.63 -12.23
CA VAL C 75 29.08 -0.59 -13.69
C VAL C 75 29.01 0.84 -14.18
N ASN C 76 29.92 1.17 -15.12
CA ASN C 76 30.03 2.48 -15.73
CA ASN C 76 29.94 2.49 -15.74
C ASN C 76 29.91 2.35 -17.25
N THR C 77 28.93 2.97 -17.85
CA THR C 77 28.74 3.07 -19.30
C THR C 77 28.91 4.60 -19.52
N GLY C 78 28.80 5.07 -20.74
CA GLY C 78 28.85 6.51 -20.94
C GLY C 78 27.56 7.15 -20.46
N LEU C 79 26.46 6.36 -20.41
CA LEU C 79 25.19 6.90 -19.99
C LEU C 79 25.03 6.96 -18.46
N PHE C 80 25.49 5.95 -17.74
CA PHE C 80 25.30 5.95 -16.31
C PHE C 80 26.38 5.23 -15.54
N ARG C 81 26.27 5.34 -14.22
CA ARG C 81 27.03 4.55 -13.28
C ARG C 81 25.98 3.94 -12.35
N GLY C 82 26.11 2.64 -12.11
CA GLY C 82 25.19 1.92 -11.25
C GLY C 82 25.94 1.03 -10.28
N VAL C 83 25.32 0.77 -9.11
CA VAL C 83 25.84 -0.13 -8.09
C VAL C 83 24.62 -0.61 -7.28
N ALA C 84 24.66 -1.86 -6.81
CA ALA C 84 23.60 -2.41 -5.96
C ALA C 84 23.68 -1.76 -4.60
N GLN C 85 22.51 -1.55 -3.98
CA GLN C 85 22.37 -0.94 -2.66
CA GLN C 85 22.39 -0.97 -2.65
C GLN C 85 21.37 -1.72 -1.84
N PHE C 86 21.42 -1.61 -0.53
CA PHE C 86 20.47 -2.26 0.35
C PHE C 86 19.56 -1.23 0.98
N ARG C 87 18.25 -1.50 0.93
CA ARG C 87 17.24 -0.66 1.57
C ARG C 87 16.84 -1.29 2.89
N GLY C 88 16.62 -0.44 3.89
CA GLY C 88 16.23 -0.88 5.23
C GLY C 88 17.39 -1.19 6.15
N VAL C 89 17.24 -0.80 7.42
CA VAL C 89 18.21 -1.02 8.50
C VAL C 89 18.29 -2.55 8.80
N ALA C 90 19.45 -3.02 9.27
CA ALA C 90 19.67 -4.42 9.63
C ALA C 90 19.03 -4.72 10.98
N LYS C 91 18.27 -5.83 11.09
CA LYS C 91 17.59 -6.22 12.34
C LYS C 91 18.01 -7.62 12.75
N GLN C 92 18.52 -7.74 14.00
CA GLN C 92 19.00 -8.98 14.64
C GLN C 92 20.15 -9.60 13.82
N ASN C 93 20.97 -8.73 13.18
CA ASN C 93 22.13 -9.07 12.34
C ASN C 93 21.72 -10.00 11.19
N ALA C 94 20.47 -9.86 10.70
CA ALA C 94 19.94 -10.74 9.67
C ALA C 94 19.11 -10.00 8.61
N TRP C 95 19.14 -10.54 7.38
CA TRP C 95 18.36 -10.06 6.25
C TRP C 95 16.88 -10.45 6.44
N ASP C 96 15.97 -9.47 6.40
CA ASP C 96 14.53 -9.69 6.52
C ASP C 96 13.86 -9.28 5.22
N ALA C 97 13.45 -10.27 4.41
CA ALA C 97 12.78 -10.09 3.10
C ALA C 97 11.59 -9.11 3.17
N ALA C 98 10.96 -8.97 4.36
CA ALA C 98 9.80 -8.11 4.60
C ALA C 98 10.20 -6.66 4.91
N THR C 99 11.45 -6.38 5.31
CA THR C 99 11.86 -5.00 5.61
C THR C 99 13.08 -4.57 4.76
N ASN C 100 13.82 -5.55 4.22
CA ASN C 100 15.03 -5.33 3.44
C ASN C 100 14.81 -5.62 1.98
N SER C 101 15.46 -4.82 1.13
CA SER C 101 15.41 -5.03 -0.32
C SER C 101 16.68 -4.53 -1.00
N ILE C 102 16.93 -5.11 -2.18
CA ILE C 102 18.01 -4.72 -3.06
C ILE C 102 17.49 -3.71 -4.06
N TYR C 103 18.30 -2.73 -4.40
CA TYR C 103 17.97 -1.84 -5.50
C TYR C 103 19.28 -1.43 -6.16
N VAL C 104 19.21 -0.93 -7.38
CA VAL C 104 20.38 -0.42 -8.08
C VAL C 104 20.31 1.09 -8.08
N SER C 105 21.32 1.76 -7.51
CA SER C 105 21.43 3.21 -7.51
C SER C 105 22.06 3.67 -8.83
N LEU C 106 21.41 4.59 -9.57
CA LEU C 106 21.93 5.01 -10.88
C LEU C 106 22.17 6.47 -10.91
N THR C 107 23.34 6.86 -11.40
CA THR C 107 23.71 8.27 -11.51
C THR C 107 24.13 8.52 -12.97
N GLN C 108 23.94 9.73 -13.46
CA GLN C 108 24.29 10.05 -14.84
C GLN C 108 25.80 9.86 -15.12
N GLY C 109 26.09 9.38 -16.33
CA GLY C 109 27.44 9.17 -16.82
C GLY C 109 27.93 10.32 -17.69
N LYS C 110 29.20 10.22 -18.13
CA LYS C 110 29.93 11.24 -18.89
C LYS C 110 29.21 11.69 -20.18
N ALA C 111 28.57 10.78 -20.92
CA ALA C 111 27.91 11.16 -22.17
C ALA C 111 26.68 12.07 -21.92
N LEU C 112 26.06 11.93 -20.73
CA LEU C 112 24.93 12.74 -20.30
C LEU C 112 25.42 14.09 -19.78
N ARG C 113 26.56 14.10 -19.06
CA ARG C 113 27.15 15.33 -18.55
C ARG C 113 27.56 16.23 -19.72
N GLU C 114 28.13 15.63 -20.79
CA GLU C 114 28.56 16.33 -22.01
C GLU C 114 27.37 16.88 -22.77
N ALA C 115 26.27 16.09 -22.89
CA ALA C 115 25.05 16.49 -23.59
C ALA C 115 24.39 17.67 -22.89
N ILE C 116 24.44 17.71 -21.54
CA ILE C 116 23.87 18.78 -20.71
C ILE C 116 24.53 20.11 -21.08
N LYS C 117 25.85 20.12 -21.43
CA LYS C 117 26.57 21.34 -21.88
C LYS C 117 25.97 21.92 -23.18
N ASP C 118 25.48 21.05 -24.07
CA ASP C 118 24.90 21.46 -25.35
C ASP C 118 23.37 21.63 -25.26
N THR C 119 22.83 21.87 -24.05
CA THR C 119 21.39 22.02 -23.85
C THR C 119 21.06 23.34 -23.18
N ARG C 120 20.03 24.01 -23.67
CA ARG C 120 19.53 25.23 -23.04
C ARG C 120 18.12 24.98 -22.53
N VAL C 121 17.69 25.83 -21.59
CA VAL C 121 16.36 25.77 -21.02
C VAL C 121 15.60 26.96 -21.56
N ASP C 122 14.43 26.66 -22.12
CA ASP C 122 13.48 27.60 -22.66
C ASP C 122 12.35 27.68 -21.60
N VAL C 123 12.37 28.77 -20.80
CA VAL C 123 11.40 29.00 -19.72
C VAL C 123 10.11 29.53 -20.34
N LEU C 124 8.99 28.85 -20.02
CA LEU C 124 7.66 29.11 -20.57
C LEU C 124 6.83 30.07 -19.70
N GLY C 125 7.26 30.27 -18.47
CA GLY C 125 6.56 31.08 -17.49
C GLY C 125 5.69 30.20 -16.63
N GLU C 126 4.65 30.79 -16.00
CA GLU C 126 3.73 30.02 -15.16
C GLU C 126 2.69 29.35 -16.05
N ARG C 127 2.17 28.17 -15.61
CA ARG C 127 1.16 27.40 -16.34
CA ARG C 127 1.17 27.39 -16.35
C ARG C 127 -0.11 28.24 -16.55
N PRO C 128 -0.71 28.23 -17.77
CA PRO C 128 -1.89 29.09 -18.03
C PRO C 128 -3.15 28.78 -17.22
N THR C 129 -3.35 27.52 -16.80
CA THR C 129 -4.54 27.10 -16.08
C THR C 129 -4.28 26.96 -14.57
N LYS C 130 -5.37 26.82 -13.81
CA LYS C 130 -5.36 26.62 -12.35
C LYS C 130 -5.77 25.16 -12.06
N PHE C 131 -5.42 24.25 -12.99
CA PHE C 131 -5.71 22.82 -12.91
C PHE C 131 -4.60 22.05 -13.62
N TYR C 132 -3.76 21.33 -12.85
CA TYR C 132 -2.61 20.57 -13.38
C TYR C 132 -1.91 19.75 -12.29
N ILE C 133 -1.05 18.82 -12.73
CA ILE C 133 -0.15 18.01 -11.91
C ILE C 133 1.22 18.71 -11.95
N GLY C 134 1.63 19.26 -10.82
CA GLY C 134 2.91 19.96 -10.72
C GLY C 134 4.06 19.03 -10.42
N SER C 135 3.97 18.29 -9.31
CA SER C 135 5.04 17.40 -8.93
C SER C 135 4.49 16.11 -8.32
N GLY C 136 5.38 15.21 -8.02
CA GLY C 136 5.03 13.93 -7.46
C GLY C 136 6.12 13.41 -6.58
N GLN C 137 5.80 12.40 -5.78
CA GLN C 137 6.79 11.73 -4.93
CA GLN C 137 6.75 11.75 -4.89
C GLN C 137 6.38 10.30 -4.69
N ASP C 138 7.35 9.40 -4.80
CA ASP C 138 7.19 7.98 -4.54
C ASP C 138 7.53 7.75 -3.07
N ALA C 139 6.60 7.17 -2.27
CA ALA C 139 6.82 6.91 -0.84
C ALA C 139 8.00 5.98 -0.60
N THR C 140 8.08 4.89 -1.40
CA THR C 140 9.09 3.83 -1.26
C THR C 140 10.49 4.33 -1.58
N THR C 141 10.71 4.96 -2.76
CA THR C 141 12.05 5.36 -3.20
C THR C 141 12.41 6.80 -2.85
N ARG C 142 11.41 7.68 -2.56
CA ARG C 142 11.56 9.12 -2.22
C ARG C 142 11.78 9.94 -3.51
N ALA C 143 11.75 9.28 -4.66
CA ALA C 143 11.97 9.90 -5.97
C ALA C 143 10.89 10.93 -6.26
N THR C 144 11.31 12.04 -6.86
CA THR C 144 10.46 13.17 -7.27
C THR C 144 10.56 13.36 -8.80
N ASP C 145 11.08 12.36 -9.53
CA ASP C 145 11.26 12.46 -10.99
C ASP C 145 10.09 11.80 -11.78
N PHE C 146 9.00 11.46 -11.08
CA PHE C 146 7.78 10.80 -11.58
C PHE C 146 8.04 9.34 -11.93
N SER C 147 8.96 8.73 -11.18
CA SER C 147 9.18 7.29 -11.15
C SER C 147 8.49 6.82 -9.87
N ALA C 148 7.86 5.65 -9.93
CA ALA C 148 6.98 5.13 -8.89
C ALA C 148 7.07 3.62 -8.74
N THR C 149 6.63 3.13 -7.58
CA THR C 149 6.61 1.71 -7.24
C THR C 149 5.18 1.18 -7.24
N ALA C 150 4.91 0.15 -8.07
CA ALA C 150 3.61 -0.54 -8.11
C ALA C 150 3.32 -1.21 -6.76
N GLY C 151 2.08 -1.16 -6.29
CA GLY C 151 1.66 -1.75 -5.02
C GLY C 151 1.92 -0.86 -3.81
N ARG C 152 2.48 0.32 -4.05
CA ARG C 152 2.85 1.28 -3.03
C ARG C 152 2.20 2.63 -3.29
N ASN C 153 2.40 3.57 -2.37
CA ASN C 153 1.78 4.88 -2.52
C ASN C 153 2.60 5.84 -3.37
N PHE C 154 1.89 6.71 -4.05
CA PHE C 154 2.45 7.80 -4.85
C PHE C 154 1.67 9.06 -4.54
N THR C 155 2.36 10.21 -4.37
CA THR C 155 1.68 11.48 -4.08
C THR C 155 1.80 12.41 -5.32
N LEU C 156 0.67 13.03 -5.69
CA LEU C 156 0.54 13.99 -6.78
C LEU C 156 0.30 15.36 -6.17
N PHE C 157 1.10 16.37 -6.57
CA PHE C 157 0.99 17.74 -6.09
C PHE C 157 0.60 18.62 -7.26
N GLY C 158 -0.29 19.57 -7.03
CA GLY C 158 -0.74 20.44 -8.10
C GLY C 158 -1.85 21.36 -7.70
N LYS C 159 -2.74 21.68 -8.67
CA LYS C 159 -3.87 22.60 -8.43
C LYS C 159 -5.18 21.95 -8.82
N ASN C 160 -6.19 22.05 -7.93
CA ASN C 160 -7.57 21.58 -8.05
C ASN C 160 -7.67 20.14 -8.60
N LEU C 161 -6.94 19.23 -7.94
CA LEU C 161 -6.84 17.81 -8.31
C LEU C 161 -7.95 16.95 -7.70
N THR C 162 -8.75 17.52 -6.77
CA THR C 162 -9.84 16.81 -6.07
C THR C 162 -10.68 16.03 -7.06
N VAL C 163 -10.76 14.71 -6.88
CA VAL C 163 -11.58 13.84 -7.71
C VAL C 163 -12.99 13.92 -7.14
N ALA C 164 -13.90 14.54 -7.91
CA ALA C 164 -15.28 14.75 -7.52
C ALA C 164 -16.17 14.80 -8.77
N GLY C 165 -17.37 14.21 -8.66
CA GLY C 165 -18.31 14.17 -9.75
C GLY C 165 -19.03 12.84 -9.94
N THR C 166 -20.15 12.91 -10.66
CA THR C 166 -21.07 11.81 -10.94
C THR C 166 -20.80 11.12 -12.31
N ASP C 167 -20.17 11.84 -13.27
CA ASP C 167 -19.83 11.31 -14.62
C ASP C 167 -18.92 10.07 -14.50
N PRO C 168 -19.17 9.00 -15.31
CA PRO C 168 -18.37 7.77 -15.16
C PRO C 168 -16.90 7.89 -15.61
N SER C 169 -16.51 9.03 -16.20
CA SER C 169 -15.14 9.28 -16.66
C SER C 169 -14.25 9.79 -15.51
N VAL C 170 -14.87 10.37 -14.46
CA VAL C 170 -14.25 10.93 -13.27
C VAL C 170 -13.42 9.85 -12.53
N GLY C 171 -12.18 10.21 -12.17
CA GLY C 171 -11.24 9.33 -11.47
C GLY C 171 -9.81 9.45 -11.96
N VAL C 172 -8.96 8.56 -11.46
CA VAL C 172 -7.53 8.53 -11.81
C VAL C 172 -7.29 7.29 -12.67
N THR C 173 -6.73 7.51 -13.89
CA THR C 173 -6.42 6.44 -14.85
C THR C 173 -4.93 6.44 -15.21
N LEU C 174 -4.46 5.28 -15.68
CA LEU C 174 -3.11 5.02 -16.15
C LEU C 174 -3.19 4.34 -17.51
N ALA C 175 -2.62 4.98 -18.54
CA ALA C 175 -2.62 4.41 -19.88
C ALA C 175 -1.21 4.00 -20.25
N SER C 176 -1.00 2.70 -20.52
CA SER C 176 0.30 2.14 -20.88
C SER C 176 0.84 2.78 -22.18
N ALA C 177 2.11 3.21 -22.16
CA ALA C 177 2.79 3.75 -23.33
C ALA C 177 3.08 2.64 -24.36
N ALA C 178 3.30 1.41 -23.87
CA ALA C 178 3.63 0.26 -24.70
C ALA C 178 2.40 -0.31 -25.40
N THR C 179 1.27 -0.47 -24.69
CA THR C 179 0.07 -1.09 -25.27
C THR C 179 -1.12 -0.13 -25.47
N GLY C 180 -1.19 0.95 -24.71
CA GLY C 180 -2.32 1.87 -24.76
C GLY C 180 -3.46 1.52 -23.81
N THR C 181 -3.38 0.34 -23.16
CA THR C 181 -4.37 -0.19 -22.23
C THR C 181 -4.49 0.76 -21.00
N VAL C 182 -5.74 1.09 -20.66
CA VAL C 182 -6.13 1.99 -19.59
C VAL C 182 -6.54 1.18 -18.33
N THR C 183 -5.85 1.45 -17.20
CA THR C 183 -6.12 0.89 -15.87
C THR C 183 -6.76 1.99 -15.03
N LYS C 184 -7.93 1.73 -14.47
CA LYS C 184 -8.55 2.73 -13.60
C LYS C 184 -8.27 2.39 -12.13
N ILE C 185 -7.72 3.38 -11.41
CA ILE C 185 -7.49 3.26 -9.98
C ILE C 185 -8.85 3.30 -9.27
N ASP C 186 -9.13 2.29 -8.45
CA ASP C 186 -10.35 2.21 -7.66
C ASP C 186 -10.41 3.45 -6.77
N ASN C 187 -11.56 4.14 -6.71
CA ASN C 187 -11.72 5.38 -5.93
C ASN C 187 -11.35 5.19 -4.44
N ASP C 188 -11.51 3.99 -3.86
CA ASP C 188 -11.10 3.69 -2.48
C ASP C 188 -9.59 3.71 -2.30
N MSE C 189 -8.84 3.62 -3.43
CA MSE C 189 -7.37 3.63 -3.48
C MSE C 189 -6.84 5.08 -3.64
O MSE C 189 -5.64 5.30 -3.70
CB MSE C 189 -6.81 2.68 -4.54
CG MSE C 189 -7.12 1.19 -4.26
SE MSE C 189 -6.51 0.46 -2.49
CE MSE C 189 -8.10 0.55 -1.48
N ILE C 190 -7.76 6.08 -3.62
CA ILE C 190 -7.44 7.50 -3.54
C ILE C 190 -7.61 7.77 -2.05
N VAL C 191 -6.54 7.67 -1.25
CA VAL C 191 -6.60 7.74 0.22
C VAL C 191 -6.47 9.22 0.71
N LEU C 192 -6.03 10.17 -0.15
CA LEU C 192 -6.06 11.60 0.16
C LEU C 192 -6.52 12.32 -1.12
N ASN C 193 -7.65 13.06 -1.03
CA ASN C 193 -8.29 13.68 -2.18
C ASN C 193 -8.41 15.22 -2.02
N GLU C 194 -7.29 15.93 -1.85
CA GLU C 194 -7.31 17.39 -1.63
C GLU C 194 -7.02 18.17 -2.94
N PRO C 195 -7.44 19.46 -3.07
CA PRO C 195 -7.19 20.19 -4.34
C PRO C 195 -5.70 20.26 -4.72
N SER C 196 -4.82 20.48 -3.73
CA SER C 196 -3.39 20.60 -3.99
C SER C 196 -2.62 19.28 -3.81
N ARG C 197 -3.28 18.19 -3.37
CA ARG C 197 -2.55 16.95 -3.14
C ARG C 197 -3.44 15.69 -3.18
N LEU C 198 -3.00 14.68 -3.95
CA LEU C 198 -3.63 13.36 -4.05
C LEU C 198 -2.64 12.31 -3.63
N ILE C 199 -3.10 11.35 -2.81
CA ILE C 199 -2.30 10.19 -2.41
C ILE C 199 -3.08 8.99 -2.90
N ILE C 200 -2.45 8.22 -3.76
CA ILE C 200 -3.04 7.04 -4.36
C ILE C 200 -2.21 5.80 -4.03
N LEU C 201 -2.85 4.62 -4.04
CA LEU C 201 -2.14 3.35 -3.96
C LEU C 201 -2.07 2.81 -5.38
N LEU C 202 -0.86 2.63 -5.91
CA LEU C 202 -0.71 2.12 -7.28
C LEU C 202 -0.99 0.61 -7.34
N PRO C 203 -1.80 0.09 -8.30
CA PRO C 203 -2.05 -1.37 -8.33
C PRO C 203 -0.75 -2.16 -8.50
N ALA C 204 -0.61 -3.28 -7.79
CA ALA C 204 0.59 -4.14 -7.85
C ALA C 204 0.66 -4.92 -9.16
N SER C 205 -0.49 -5.07 -9.85
CA SER C 205 -0.69 -5.79 -11.12
C SER C 205 -0.03 -5.08 -12.31
N LEU C 206 0.30 -3.80 -12.16
CA LEU C 206 0.89 -2.99 -13.21
C LEU C 206 2.25 -3.50 -13.67
N GLU C 207 2.36 -3.69 -14.99
CA GLU C 207 3.56 -4.08 -15.71
C GLU C 207 4.52 -2.85 -15.73
N ASP C 208 5.83 -3.08 -15.54
CA ASP C 208 6.86 -2.03 -15.57
C ASP C 208 6.81 -1.24 -16.86
N GLY C 209 7.00 0.06 -16.77
CA GLY C 209 7.02 0.92 -17.94
C GLY C 209 6.42 2.28 -17.71
N GLU C 210 6.45 3.09 -18.76
CA GLU C 210 5.90 4.44 -18.72
C GLU C 210 4.40 4.41 -18.95
N TYR C 211 3.68 5.26 -18.21
CA TYR C 211 2.24 5.42 -18.28
C TYR C 211 1.90 6.88 -18.35
N MSE C 212 0.73 7.17 -18.90
CA MSE C 212 0.19 8.51 -18.86
C MSE C 212 -0.84 8.50 -17.75
O MSE C 212 -1.79 7.73 -17.84
CB MSE C 212 -0.39 8.99 -20.21
CG MSE C 212 -0.89 10.45 -20.17
SE MSE C 212 0.59 11.73 -19.84
CE MSE C 212 1.61 11.45 -21.48
N LEU C 213 -0.55 9.23 -16.67
CA LEU C 213 -1.47 9.32 -15.54
C LEU C 213 -2.40 10.48 -15.78
N THR C 214 -3.70 10.23 -15.68
CA THR C 214 -4.72 11.26 -15.91
C THR C 214 -5.67 11.35 -14.72
N VAL C 215 -5.92 12.58 -14.27
CA VAL C 215 -6.92 12.94 -13.26
C VAL C 215 -8.12 13.58 -14.00
N THR C 216 -9.29 12.92 -13.99
CA THR C 216 -10.53 13.42 -14.58
C THR C 216 -11.46 13.80 -13.43
N THR C 217 -11.93 15.06 -13.41
CA THR C 217 -12.79 15.52 -12.32
C THR C 217 -13.78 16.62 -12.79
N GLN C 218 -14.81 16.83 -11.98
CA GLN C 218 -15.85 17.86 -12.12
C GLN C 218 -15.69 18.89 -10.99
N TYR C 219 -14.62 18.77 -10.20
CA TYR C 219 -14.27 19.71 -9.14
C TYR C 219 -13.98 21.08 -9.76
N ARG C 220 -14.60 22.13 -9.21
CA ARG C 220 -14.43 23.52 -9.65
C ARG C 220 -13.42 24.21 -8.72
N GLY C 221 -12.50 24.98 -9.31
CA GLY C 221 -11.47 25.73 -8.60
C GLY C 221 -12.00 26.53 -7.43
N GLY C 222 -11.94 25.91 -6.25
CA GLY C 222 -12.41 26.48 -5.00
C GLY C 222 -13.71 25.88 -4.50
N GLY C 223 -14.37 26.60 -3.61
CA GLY C 223 -15.65 26.18 -3.05
C GLY C 223 -16.81 26.60 -3.94
N GLY C 224 -17.00 25.87 -5.04
CA GLY C 224 -18.06 26.12 -6.00
C GLY C 224 -18.74 24.87 -6.51
N ALA C 225 -19.94 25.03 -7.12
CA ALA C 225 -20.75 23.96 -7.71
C ALA C 225 -19.93 23.13 -8.72
N LEU C 226 -20.13 21.80 -8.70
CA LEU C 226 -19.42 20.87 -9.58
C LEU C 226 -19.67 21.18 -11.05
N LEU C 227 -18.62 21.02 -11.87
CA LEU C 227 -18.62 21.27 -13.32
C LEU C 227 -19.54 20.31 -14.06
N LYS C 228 -20.32 20.83 -15.03
CA LYS C 228 -21.25 20.06 -15.86
C LYS C 228 -20.49 19.01 -16.68
N THR C 229 -19.39 19.42 -17.31
CA THR C 229 -18.55 18.53 -18.10
C THR C 229 -17.21 18.31 -17.38
N PRO C 230 -16.76 17.04 -17.18
CA PRO C 230 -15.46 16.80 -16.53
C PRO C 230 -14.28 17.28 -17.38
N ARG C 231 -13.18 17.60 -16.68
CA ARG C 231 -11.94 18.06 -17.30
C ARG C 231 -10.77 17.16 -16.84
N SER C 232 -9.79 16.98 -17.72
CA SER C 232 -8.64 16.12 -17.47
C SER C 232 -7.32 16.87 -17.53
N THR C 233 -6.38 16.45 -16.68
CA THR C 233 -5.01 16.95 -16.65
C THR C 233 -4.15 15.71 -16.50
N SER C 234 -2.93 15.73 -17.05
CA SER C 234 -2.10 14.56 -17.10
C SER C 234 -0.64 14.82 -16.84
N HIS C 235 0.06 13.74 -16.45
CA HIS C 235 1.48 13.70 -16.27
C HIS C 235 1.97 12.28 -16.53
N THR C 236 3.14 12.20 -17.18
CA THR C 236 3.81 10.94 -17.47
C THR C 236 4.34 10.37 -16.15
N ILE C 237 4.40 9.05 -16.06
CA ILE C 237 4.87 8.37 -14.87
C ILE C 237 5.50 7.03 -15.27
N TYR C 238 6.65 6.70 -14.66
CA TYR C 238 7.26 5.40 -14.83
C TYR C 238 6.94 4.55 -13.62
N ILE C 239 6.38 3.37 -13.86
CA ILE C 239 6.04 2.48 -12.78
C ILE C 239 6.98 1.28 -12.82
N GLY C 240 7.73 1.09 -11.74
CA GLY C 240 8.62 -0.02 -11.53
C GLY C 240 7.84 -1.10 -10.82
N GLY C 241 7.94 -2.34 -11.31
CA GLY C 241 7.19 -3.50 -10.81
C GLY C 241 7.21 -3.68 -9.31
N ALA C 242 6.12 -4.23 -8.76
CA ALA C 242 5.96 -4.46 -7.31
C ALA C 242 7.14 -5.30 -6.75
N PRO C 243 7.77 -4.86 -5.63
CA PRO C 243 8.90 -5.63 -5.08
C PRO C 243 8.42 -6.81 -4.22
N GLY D 1 16.90 -21.94 -6.98
CA GLY D 1 16.34 -20.71 -6.45
C GLY D 1 16.95 -19.46 -7.07
N ALA D 2 17.54 -18.60 -6.20
CA ALA D 2 18.19 -17.36 -6.61
C ALA D 2 19.52 -17.65 -7.29
N LYS D 3 19.64 -17.32 -8.57
CA LYS D 3 20.85 -17.53 -9.37
C LYS D 3 22.01 -16.61 -8.90
N ASN D 4 21.71 -15.37 -8.46
CA ASN D 4 22.73 -14.40 -8.07
C ASN D 4 22.85 -14.26 -6.56
N VAL D 5 24.08 -13.96 -6.06
CA VAL D 5 24.34 -13.78 -4.62
C VAL D 5 25.12 -12.48 -4.38
N LEU D 6 24.57 -11.60 -3.50
CA LEU D 6 25.21 -10.35 -3.10
C LEU D 6 25.81 -10.55 -1.72
N LYS D 7 27.07 -10.15 -1.54
CA LYS D 7 27.74 -10.30 -0.24
C LYS D 7 27.66 -9.00 0.52
N ALA D 8 27.13 -9.05 1.74
CA ALA D 8 26.97 -7.86 2.56
C ALA D 8 27.60 -7.99 3.94
N TRP D 9 28.25 -6.90 4.38
CA TRP D 9 28.79 -6.70 5.72
C TRP D 9 27.75 -6.00 6.56
N LEU D 10 27.90 -6.11 7.88
CA LEU D 10 27.14 -5.36 8.86
C LEU D 10 28.05 -4.25 9.36
N VAL D 11 27.69 -2.98 9.11
CA VAL D 11 28.42 -1.78 9.56
C VAL D 11 27.44 -0.89 10.36
N ASP D 12 27.96 0.02 11.20
CA ASP D 12 27.12 0.92 12.00
C ASP D 12 26.48 1.99 11.11
N ASN D 13 25.25 2.43 11.44
CA ASN D 13 24.52 3.45 10.67
C ASN D 13 25.04 4.84 11.01
N THR D 21 21.99 3.83 17.38
CA THR D 21 23.20 3.06 17.07
C THR D 21 22.82 1.67 16.49
N ASP D 22 21.94 1.64 15.45
CA ASP D 22 21.49 0.41 14.76
C ASP D 22 22.42 0.10 13.56
N LYS D 23 22.40 -1.17 13.05
CA LYS D 23 23.26 -1.62 11.96
C LYS D 23 22.61 -1.47 10.57
N ILE D 24 23.46 -1.38 9.52
CA ILE D 24 23.09 -1.30 8.11
C ILE D 24 23.94 -2.29 7.28
N PHE D 25 23.37 -2.74 6.15
CA PHE D 25 24.07 -3.63 5.23
C PHE D 25 24.95 -2.81 4.28
N GLN D 26 26.18 -3.27 4.12
CA GLN D 26 27.15 -2.65 3.23
C GLN D 26 27.64 -3.71 2.26
N LEU D 27 27.60 -3.39 0.96
CA LEU D 27 28.06 -4.28 -0.08
C LEU D 27 29.59 -4.46 -0.06
N GLU D 28 30.04 -5.71 -0.14
CA GLU D 28 31.46 -6.03 -0.31
C GLU D 28 31.70 -5.92 -1.83
N THR D 29 32.03 -4.69 -2.27
CA THR D 29 32.21 -4.35 -3.67
C THR D 29 33.66 -3.99 -3.92
N THR D 30 34.24 -4.71 -4.82
CA THR D 30 35.61 -4.36 -5.13
C THR D 30 35.60 -3.86 -6.58
N ARG D 31 35.38 -4.78 -7.49
CA ARG D 31 35.48 -4.62 -8.91
C ARG D 31 34.43 -3.70 -9.52
N SER D 32 34.92 -2.95 -10.49
CA SER D 32 34.17 -2.08 -11.37
C SER D 32 34.38 -2.52 -12.81
N ILE D 33 33.34 -2.38 -13.64
CA ILE D 33 33.49 -2.69 -15.07
C ILE D 33 33.03 -1.46 -15.84
N ASP D 34 33.73 -1.16 -16.93
CA ASP D 34 33.42 -0.03 -17.80
C ASP D 34 33.08 -0.59 -19.18
N LYS D 35 32.83 0.30 -20.17
CA LYS D 35 32.40 -0.08 -21.53
C LYS D 35 33.31 -1.14 -22.18
N GLU D 36 34.65 -0.99 -22.04
CA GLU D 36 35.66 -1.92 -22.55
CA GLU D 36 35.60 -1.94 -22.61
C GLU D 36 35.45 -3.34 -21.98
N ILE D 37 35.16 -3.45 -20.65
CA ILE D 37 34.99 -4.78 -20.03
C ILE D 37 33.61 -5.35 -20.42
N ILE D 38 32.56 -4.50 -20.49
CA ILE D 38 31.22 -4.89 -20.92
C ILE D 38 31.29 -5.54 -22.33
N LEU D 39 32.01 -4.89 -23.27
CA LEU D 39 32.26 -5.38 -24.64
C LEU D 39 33.01 -6.72 -24.63
N ASP D 40 34.00 -6.92 -23.72
CA ASP D 40 34.70 -8.21 -23.60
C ASP D 40 33.71 -9.30 -23.16
N ARG D 41 32.90 -9.01 -22.14
CA ARG D 41 31.93 -9.96 -21.59
C ARG D 41 30.80 -10.27 -22.58
N MSE D 42 30.41 -9.31 -23.47
CA MSE D 42 29.40 -9.55 -24.50
C MSE D 42 29.95 -10.52 -25.58
O MSE D 42 29.26 -11.45 -26.02
CB MSE D 42 28.97 -8.24 -25.17
CG MSE D 42 28.12 -7.33 -24.29
SE MSE D 42 28.01 -5.55 -25.04
CE MSE D 42 26.95 -5.99 -26.62
N VAL D 43 31.22 -10.28 -26.02
CA VAL D 43 31.94 -11.10 -27.01
C VAL D 43 32.08 -12.56 -26.49
N ALA D 44 32.40 -12.73 -25.18
CA ALA D 44 32.57 -14.04 -24.55
C ALA D 44 31.22 -14.78 -24.43
N LYS D 45 30.11 -14.04 -24.34
CA LYS D 45 28.77 -14.61 -24.24
C LYS D 45 28.28 -15.08 -25.58
N ASN D 46 28.48 -14.25 -26.62
CA ASN D 46 28.07 -14.55 -27.97
C ASN D 46 29.23 -14.28 -28.94
N PRO D 47 30.01 -15.34 -29.27
CA PRO D 47 31.14 -15.18 -30.21
C PRO D 47 30.72 -14.91 -31.68
N GLY D 48 29.41 -14.92 -31.94
CA GLY D 48 28.80 -14.72 -33.26
C GLY D 48 28.86 -13.35 -33.91
N VAL D 49 28.86 -12.25 -33.12
CA VAL D 49 28.90 -10.91 -33.74
C VAL D 49 30.25 -10.23 -33.36
N ARG D 50 30.74 -9.35 -34.27
CA ARG D 50 31.99 -8.60 -34.13
CA ARG D 50 31.98 -8.58 -34.15
C ARG D 50 31.93 -7.61 -32.98
N ARG D 51 33.04 -7.49 -32.26
CA ARG D 51 33.20 -6.55 -31.15
C ARG D 51 32.98 -5.11 -31.65
N GLU D 52 33.54 -4.80 -32.85
CA GLU D 52 33.50 -3.52 -33.57
C GLU D 52 32.05 -3.09 -33.81
N THR D 53 31.18 -4.05 -34.19
CA THR D 53 29.75 -3.90 -34.47
C THR D 53 29.01 -3.60 -33.16
N MSE D 54 29.31 -4.36 -32.07
CA MSE D 54 28.68 -4.17 -30.76
CA MSE D 54 28.68 -4.18 -30.76
C MSE D 54 29.06 -2.81 -30.18
O MSE D 54 28.21 -2.14 -29.60
CB MSE D 54 29.09 -5.28 -29.78
CB MSE D 54 29.05 -5.32 -29.78
CG MSE D 54 28.71 -6.70 -30.25
CG MSE D 54 28.66 -6.72 -30.26
SE MSE D 54 26.81 -7.07 -30.07
SE MSE D 54 29.11 -8.10 -28.94
CE MSE D 54 26.10 -6.49 -31.84
CE MSE D 54 28.66 -9.71 -29.92
N ALA D 55 30.32 -2.38 -30.38
CA ALA D 55 30.87 -1.10 -29.92
C ALA D 55 30.16 0.08 -30.62
N LEU D 56 29.85 -0.04 -31.93
CA LEU D 56 29.13 0.98 -32.70
C LEU D 56 27.69 1.06 -32.20
N GLY D 57 27.07 -0.10 -31.99
CA GLY D 57 25.72 -0.24 -31.43
C GLY D 57 25.56 0.49 -30.11
N ILE D 58 26.54 0.31 -29.19
CA ILE D 58 26.54 0.98 -27.88
C ILE D 58 26.62 2.51 -28.07
N GLU D 59 27.53 2.98 -28.95
CA GLU D 59 27.73 4.39 -29.21
C GLU D 59 26.49 5.04 -29.83
N LEU D 60 25.83 4.38 -30.82
CA LEU D 60 24.61 4.87 -31.47
CA LEU D 60 24.61 4.92 -31.46
C LEU D 60 23.50 5.06 -30.44
N MSE D 61 23.31 4.03 -29.60
CA MSE D 61 22.30 3.99 -28.55
C MSE D 61 22.52 5.11 -27.52
O MSE D 61 21.55 5.76 -27.16
CB MSE D 61 22.31 2.64 -27.85
CG MSE D 61 20.96 2.29 -27.25
SE MSE D 61 21.08 1.17 -25.67
CE MSE D 61 22.09 2.51 -24.55
N GLU D 62 23.77 5.34 -27.10
CA GLU D 62 24.07 6.40 -26.13
C GLU D 62 23.74 7.78 -26.74
N GLU D 63 24.02 8.00 -28.05
CA GLU D 63 23.64 9.24 -28.75
C GLU D 63 22.13 9.42 -28.81
N VAL D 64 21.39 8.37 -29.20
CA VAL D 64 19.92 8.40 -29.31
C VAL D 64 19.30 8.78 -27.95
N VAL D 65 19.76 8.11 -26.87
CA VAL D 65 19.26 8.28 -25.50
C VAL D 65 19.61 9.69 -25.00
N ALA D 66 20.86 10.19 -25.23
CA ALA D 66 21.25 11.52 -24.81
C ALA D 66 20.44 12.60 -25.53
N GLU D 67 20.22 12.47 -26.85
CA GLU D 67 19.42 13.43 -27.66
C GLU D 67 17.97 13.47 -27.17
N ALA D 68 17.37 12.30 -26.88
CA ALA D 68 15.99 12.16 -26.40
C ALA D 68 15.80 12.83 -25.02
N LEU D 69 16.71 12.53 -24.08
CA LEU D 69 16.67 13.11 -22.74
C LEU D 69 16.81 14.63 -22.74
N MSE D 70 17.70 15.16 -23.60
CA MSE D 70 18.02 16.57 -23.73
C MSE D 70 16.97 17.35 -24.56
O MSE D 70 17.09 18.58 -24.66
CB MSE D 70 19.40 16.74 -24.34
CG MSE D 70 20.52 16.35 -23.37
SE MSE D 70 20.43 17.29 -21.68
CE MSE D 70 19.79 15.84 -20.52
N ASN D 71 15.94 16.68 -25.10
CA ASN D 71 14.86 17.37 -25.80
C ASN D 71 13.50 17.03 -25.10
N GLY D 72 13.59 16.70 -23.82
CA GLY D 72 12.47 16.51 -22.91
C GLY D 72 11.67 15.23 -22.92
N GLU D 73 12.24 14.16 -23.45
CA GLU D 73 11.58 12.86 -23.43
C GLU D 73 12.06 12.04 -22.25
N SER D 74 11.16 11.22 -21.66
CA SER D 74 11.54 10.23 -20.68
C SER D 74 11.97 9.01 -21.49
N VAL D 75 13.08 8.37 -21.12
CA VAL D 75 13.59 7.23 -21.89
C VAL D 75 13.58 5.97 -21.03
N ASN D 76 12.92 4.92 -21.51
CA ASN D 76 12.83 3.65 -20.82
C ASN D 76 13.58 2.56 -21.60
N THR D 77 14.70 2.09 -21.06
CA THR D 77 15.43 0.93 -21.61
C THR D 77 15.05 -0.21 -20.67
N GLY D 78 15.63 -1.37 -20.86
CA GLY D 78 15.37 -2.45 -19.93
C GLY D 78 16.17 -2.26 -18.66
N LEU D 79 17.30 -1.54 -18.74
CA LEU D 79 18.16 -1.30 -17.58
C LEU D 79 17.72 -0.14 -16.73
N PHE D 80 17.20 0.95 -17.34
CA PHE D 80 16.78 2.12 -16.58
C PHE D 80 15.69 2.91 -17.26
N ARG D 81 15.13 3.82 -16.50
CA ARG D 81 14.24 4.87 -16.97
C ARG D 81 14.92 6.21 -16.56
N GLY D 82 15.08 7.10 -17.52
CA GLY D 82 15.66 8.42 -17.26
C GLY D 82 14.77 9.56 -17.71
N VAL D 83 14.95 10.74 -17.10
CA VAL D 83 14.24 11.97 -17.46
C VAL D 83 15.13 13.13 -17.03
N ALA D 84 15.15 14.21 -17.80
CA ALA D 84 15.91 15.42 -17.40
C ALA D 84 15.19 16.10 -16.23
N GLN D 85 15.97 16.66 -15.29
CA GLN D 85 15.45 17.38 -14.10
C GLN D 85 16.27 18.62 -13.86
N PHE D 86 15.74 19.56 -13.08
CA PHE D 86 16.41 20.81 -12.77
C PHE D 86 16.71 20.97 -11.29
N ARG D 87 17.92 21.47 -10.97
CA ARG D 87 18.38 21.86 -9.63
C ARG D 87 18.30 23.40 -9.52
N GLY D 88 18.20 23.90 -8.30
CA GLY D 88 18.12 25.32 -8.04
C GLY D 88 16.73 25.89 -8.27
N VAL D 89 16.45 27.01 -7.63
CA VAL D 89 15.19 27.74 -7.66
C VAL D 89 15.20 28.81 -8.79
N ALA D 90 13.99 29.16 -9.30
CA ALA D 90 13.82 30.16 -10.37
C ALA D 90 13.90 31.59 -9.83
N LYS D 91 15.10 32.18 -9.88
CA LYS D 91 15.32 33.56 -9.43
C LYS D 91 14.87 34.54 -10.53
N GLN D 92 13.99 35.50 -10.15
CA GLN D 92 13.39 36.57 -10.98
C GLN D 92 12.66 35.99 -12.23
N ASN D 93 12.06 34.76 -12.09
CA ASN D 93 11.30 34.02 -13.10
C ASN D 93 12.14 33.71 -14.38
N ALA D 94 13.47 33.53 -14.20
CA ALA D 94 14.41 33.26 -15.28
C ALA D 94 15.46 32.21 -14.88
N TRP D 95 16.04 31.54 -15.91
CA TRP D 95 17.09 30.54 -15.71
C TRP D 95 18.41 31.24 -15.43
N ASP D 96 19.06 30.88 -14.31
CA ASP D 96 20.36 31.43 -13.94
C ASP D 96 21.40 30.32 -14.04
N ALA D 97 22.21 30.38 -15.10
CA ALA D 97 23.28 29.42 -15.43
C ALA D 97 24.21 29.15 -14.25
N ALA D 98 24.35 30.12 -13.34
CA ALA D 98 25.23 30.04 -12.17
C ALA D 98 24.59 29.33 -10.96
N THR D 99 23.26 29.42 -10.77
CA THR D 99 22.60 28.78 -9.61
C THR D 99 21.74 27.57 -10.02
N ASN D 100 21.36 27.47 -11.30
CA ASN D 100 20.54 26.40 -11.87
C ASN D 100 21.35 25.45 -12.71
N SER D 101 20.88 24.19 -12.75
CA SER D 101 21.51 23.17 -13.57
C SER D 101 20.52 22.09 -14.01
N ILE D 102 20.88 21.43 -15.10
CA ILE D 102 20.19 20.27 -15.65
C ILE D 102 20.93 19.04 -15.15
N TYR D 103 20.20 17.99 -14.80
CA TYR D 103 20.75 16.68 -14.49
C TYR D 103 19.73 15.66 -15.01
N VAL D 104 20.16 14.42 -15.16
CA VAL D 104 19.31 13.31 -15.58
C VAL D 104 19.08 12.45 -14.37
N SER D 105 17.82 12.23 -14.04
CA SER D 105 17.44 11.40 -12.94
C SER D 105 17.14 10.02 -13.47
N LEU D 106 17.84 9.03 -12.95
CA LEU D 106 17.75 7.65 -13.41
C LEU D 106 17.23 6.74 -12.35
N THR D 107 16.36 5.81 -12.74
CA THR D 107 15.84 4.79 -11.82
C THR D 107 16.06 3.45 -12.51
N GLN D 108 16.15 2.35 -11.75
CA GLN D 108 16.33 1.01 -12.30
C GLN D 108 15.14 0.60 -13.20
N GLY D 109 15.44 -0.12 -14.26
CA GLY D 109 14.49 -0.62 -15.23
C GLY D 109 14.07 -2.05 -14.95
N LYS D 110 13.14 -2.57 -15.77
CA LYS D 110 12.57 -3.91 -15.65
C LYS D 110 13.66 -5.01 -15.58
N ALA D 111 14.73 -4.93 -16.40
CA ALA D 111 15.78 -5.98 -16.38
C ALA D 111 16.51 -6.04 -15.03
N LEU D 112 16.68 -4.89 -14.36
CA LEU D 112 17.33 -4.81 -13.06
C LEU D 112 16.42 -5.35 -11.99
N ARG D 113 15.12 -4.95 -12.01
CA ARG D 113 14.11 -5.43 -11.07
C ARG D 113 13.94 -6.96 -11.17
N GLU D 114 13.93 -7.50 -12.41
CA GLU D 114 13.82 -8.96 -12.65
C GLU D 114 15.08 -9.68 -12.12
N ALA D 115 16.28 -9.09 -12.34
CA ALA D 115 17.55 -9.63 -11.84
C ALA D 115 17.55 -9.68 -10.29
N ILE D 116 17.01 -8.61 -9.63
CA ILE D 116 16.90 -8.49 -8.17
C ILE D 116 16.04 -9.66 -7.64
N LYS D 117 14.91 -10.01 -8.31
CA LYS D 117 14.08 -11.18 -7.94
C LYS D 117 14.88 -12.47 -7.86
N ASP D 118 15.89 -12.61 -8.73
CA ASP D 118 16.74 -13.79 -8.84
C ASP D 118 18.05 -13.62 -8.02
N THR D 119 18.05 -12.74 -7.00
CA THR D 119 19.23 -12.49 -6.19
C THR D 119 18.92 -12.68 -4.72
N ARG D 120 19.90 -13.19 -3.99
CA ARG D 120 19.85 -13.36 -2.55
C ARG D 120 21.07 -12.68 -1.95
N VAL D 121 20.96 -12.31 -0.69
CA VAL D 121 21.99 -11.63 0.06
C VAL D 121 22.63 -12.62 1.00
N ASP D 122 23.96 -12.69 0.96
CA ASP D 122 24.79 -13.46 1.85
C ASP D 122 25.35 -12.47 2.89
N VAL D 123 24.76 -12.49 4.10
CA VAL D 123 25.13 -11.62 5.21
C VAL D 123 26.40 -12.21 5.85
N LEU D 124 27.57 -11.60 5.58
CA LEU D 124 28.88 -12.05 6.05
C LEU D 124 29.13 -11.76 7.54
N GLY D 125 28.32 -10.87 8.12
CA GLY D 125 28.46 -10.46 9.52
C GLY D 125 29.22 -9.16 9.58
N GLU D 126 29.66 -8.76 10.79
CA GLU D 126 30.43 -7.52 10.98
C GLU D 126 31.82 -7.64 10.40
N ARG D 127 32.39 -6.50 9.95
CA ARG D 127 33.73 -6.43 9.35
C ARG D 127 34.80 -6.84 10.39
N PRO D 128 35.86 -7.59 9.96
CA PRO D 128 36.85 -8.10 10.94
C PRO D 128 37.63 -7.00 11.69
N THR D 129 37.78 -5.80 11.11
CA THR D 129 38.49 -4.65 11.70
C THR D 129 37.51 -3.54 12.11
N LYS D 130 37.94 -2.65 13.02
CA LYS D 130 37.15 -1.48 13.41
C LYS D 130 37.73 -0.23 12.72
N PHE D 131 38.26 -0.40 11.48
CA PHE D 131 38.83 0.64 10.62
C PHE D 131 38.32 0.44 9.18
N TYR D 132 37.35 1.29 8.77
CA TYR D 132 36.70 1.18 7.46
C TYR D 132 35.91 2.42 7.11
N ILE D 133 35.47 2.49 5.85
CA ILE D 133 34.57 3.51 5.33
C ILE D 133 33.16 2.87 5.29
N GLY D 134 32.22 3.42 6.05
CA GLY D 134 30.86 2.91 6.12
C GLY D 134 29.94 3.51 5.08
N SER D 135 29.95 4.84 4.97
CA SER D 135 29.10 5.56 4.02
C SER D 135 29.77 6.88 3.58
N GLY D 136 29.10 7.58 2.68
CA GLY D 136 29.60 8.82 2.11
C GLY D 136 28.48 9.68 1.58
N GLN D 137 28.78 10.97 1.40
CA GLN D 137 27.81 11.91 0.87
C GLN D 137 28.50 12.92 -0.01
N ASP D 138 27.90 13.16 -1.18
CA ASP D 138 28.41 14.18 -2.08
C ASP D 138 27.80 15.53 -1.68
N ALA D 139 28.64 16.56 -1.43
CA ALA D 139 28.14 17.89 -1.04
C ALA D 139 27.22 18.52 -2.11
N THR D 140 27.61 18.47 -3.40
CA THR D 140 26.91 19.10 -4.55
C THR D 140 25.53 18.49 -4.80
N THR D 141 25.43 17.15 -4.85
CA THR D 141 24.17 16.48 -5.20
C THR D 141 23.45 15.92 -3.98
N ARG D 142 24.17 15.75 -2.85
CA ARG D 142 23.66 15.16 -1.60
C ARG D 142 23.43 13.63 -1.77
N ALA D 143 23.91 13.03 -2.91
CA ALA D 143 23.82 11.58 -3.16
C ALA D 143 24.63 10.81 -2.13
N THR D 144 24.12 9.64 -1.70
CA THR D 144 24.80 8.83 -0.69
C THR D 144 25.12 7.45 -1.30
N ASP D 145 25.15 7.37 -2.62
CA ASP D 145 25.45 6.12 -3.31
C ASP D 145 26.92 6.00 -3.73
N PHE D 146 27.77 6.96 -3.29
CA PHE D 146 29.20 7.04 -3.60
C PHE D 146 29.43 7.51 -5.02
N SER D 147 28.53 8.32 -5.52
CA SER D 147 28.70 9.14 -6.70
C SER D 147 29.16 10.49 -6.14
N ALA D 148 30.15 11.06 -6.77
CA ALA D 148 30.79 12.27 -6.30
C ALA D 148 30.98 13.25 -7.45
N THR D 149 31.31 14.49 -7.11
CA THR D 149 31.53 15.58 -8.06
C THR D 149 32.97 16.07 -7.93
N ALA D 150 33.76 15.92 -9.02
CA ALA D 150 35.14 16.40 -9.11
C ALA D 150 35.17 17.92 -8.87
N GLY D 151 36.17 18.39 -8.13
CA GLY D 151 36.34 19.80 -7.79
C GLY D 151 35.49 20.29 -6.64
N ARG D 152 34.69 19.38 -6.06
CA ARG D 152 33.77 19.69 -4.98
CA ARG D 152 33.78 19.71 -4.97
C ARG D 152 34.01 18.73 -3.80
N ASN D 153 33.33 18.96 -2.67
CA ASN D 153 33.55 18.20 -1.46
C ASN D 153 32.78 16.88 -1.37
N PHE D 154 33.42 15.91 -0.71
CA PHE D 154 32.90 14.58 -0.42
C PHE D 154 33.18 14.26 1.04
N THR D 155 32.18 13.68 1.73
CA THR D 155 32.26 13.31 3.13
C THR D 155 32.26 11.79 3.24
N LEU D 156 33.23 11.25 3.98
CA LEU D 156 33.36 9.82 4.28
C LEU D 156 32.97 9.58 5.73
N PHE D 157 32.05 8.64 5.95
CA PHE D 157 31.65 8.26 7.32
C PHE D 157 32.21 6.87 7.61
N GLY D 158 32.79 6.69 8.79
CA GLY D 158 33.36 5.40 9.11
C GLY D 158 33.87 5.29 10.52
N LYS D 159 34.92 4.47 10.69
CA LYS D 159 35.54 4.24 11.99
C LYS D 159 37.06 4.38 11.89
N ASN D 160 37.68 5.11 12.85
CA ASN D 160 39.11 5.40 13.00
C ASN D 160 39.76 5.87 11.69
N LEU D 161 39.13 6.88 11.05
CA LEU D 161 39.53 7.37 9.73
C LEU D 161 40.54 8.48 9.79
N THR D 162 40.88 9.00 10.98
CA THR D 162 41.85 10.10 11.14
C THR D 162 43.11 9.84 10.33
N VAL D 163 43.49 10.79 9.48
CA VAL D 163 44.69 10.68 8.67
C VAL D 163 45.82 11.33 9.50
N ALA D 164 46.79 10.52 9.92
CA ALA D 164 47.94 10.98 10.70
C ALA D 164 49.14 10.09 10.47
N GLY D 165 50.33 10.63 10.66
CA GLY D 165 51.57 9.88 10.50
C GLY D 165 52.56 10.62 9.65
N THR D 166 53.85 10.27 9.80
CA THR D 166 54.99 10.86 9.11
CA THR D 166 54.97 10.90 9.10
C THR D 166 55.37 10.09 7.83
N ASP D 167 54.92 8.80 7.69
CA ASP D 167 55.25 7.99 6.50
C ASP D 167 54.73 8.65 5.20
N PRO D 168 55.52 8.70 4.11
CA PRO D 168 55.03 9.33 2.86
C PRO D 168 53.73 8.74 2.28
N SER D 169 53.37 7.48 2.59
CA SER D 169 52.15 6.86 2.06
C SER D 169 50.87 7.35 2.77
N VAL D 170 50.99 8.03 3.93
CA VAL D 170 49.82 8.54 4.68
C VAL D 170 49.07 9.56 3.79
N GLY D 171 47.73 9.44 3.76
CA GLY D 171 46.86 10.29 2.97
C GLY D 171 45.74 9.58 2.24
N VAL D 172 45.06 10.34 1.36
CA VAL D 172 43.94 9.83 0.57
C VAL D 172 44.36 9.73 -0.89
N THR D 173 44.19 8.53 -1.47
CA THR D 173 44.43 8.28 -2.89
C THR D 173 43.14 7.86 -3.62
N LEU D 174 43.14 8.07 -4.93
CA LEU D 174 42.11 7.67 -5.90
C LEU D 174 42.78 6.93 -7.05
N ALA D 175 42.47 5.64 -7.19
CA ALA D 175 43.04 4.78 -8.22
C ALA D 175 42.00 4.57 -9.31
N SER D 176 42.32 5.00 -10.53
CA SER D 176 41.38 4.88 -11.64
C SER D 176 41.13 3.43 -12.02
N ALA D 177 39.84 3.00 -12.06
CA ALA D 177 39.44 1.65 -12.47
C ALA D 177 39.75 1.43 -13.98
N ALA D 178 39.61 2.49 -14.81
CA ALA D 178 39.84 2.46 -16.25
C ALA D 178 41.34 2.38 -16.62
N THR D 179 42.21 3.11 -15.90
CA THR D 179 43.63 3.13 -16.29
C THR D 179 44.58 2.61 -15.22
N GLY D 180 44.12 2.53 -13.98
CA GLY D 180 44.99 2.13 -12.87
C GLY D 180 45.83 3.26 -12.29
N THR D 181 45.77 4.47 -12.87
CA THR D 181 46.56 5.61 -12.40
C THR D 181 46.05 6.06 -11.03
N VAL D 182 47.02 6.28 -10.12
CA VAL D 182 46.76 6.70 -8.75
C VAL D 182 47.02 8.20 -8.63
N THR D 183 46.04 8.90 -8.06
CA THR D 183 46.09 10.33 -7.78
C THR D 183 46.05 10.47 -6.26
N LYS D 184 47.06 11.12 -5.71
CA LYS D 184 47.09 11.39 -4.29
C LYS D 184 46.51 12.79 -4.06
N ILE D 185 45.56 12.90 -3.12
CA ILE D 185 44.94 14.15 -2.74
C ILE D 185 45.91 14.89 -1.81
N ASP D 186 46.15 16.21 -2.01
CA ASP D 186 47.03 16.96 -1.09
CA ASP D 186 47.02 16.97 -1.11
C ASP D 186 46.44 16.89 0.32
N ASN D 187 47.30 16.74 1.34
CA ASN D 187 46.81 16.63 2.73
C ASN D 187 46.05 17.87 3.21
N ASP D 188 46.28 19.07 2.60
CA ASP D 188 45.53 20.28 2.96
C ASP D 188 44.10 20.25 2.35
N MSE D 189 43.77 19.17 1.57
CA MSE D 189 42.45 18.93 0.97
C MSE D 189 41.61 18.06 1.91
O MSE D 189 40.46 17.74 1.59
CB MSE D 189 42.52 18.30 -0.43
CG MSE D 189 43.47 19.01 -1.36
SE MSE D 189 42.59 20.41 -2.34
CE MSE D 189 41.99 19.27 -3.86
N ILE D 190 42.19 17.65 3.04
CA ILE D 190 41.49 16.95 4.10
C ILE D 190 41.03 18.08 5.01
N VAL D 191 39.78 18.51 4.82
CA VAL D 191 39.17 19.70 5.42
C VAL D 191 38.70 19.41 6.85
N LEU D 192 38.20 18.20 7.08
CA LEU D 192 37.78 17.70 8.40
C LEU D 192 38.41 16.33 8.55
N ASN D 193 39.21 16.14 9.61
CA ASN D 193 39.95 14.91 9.85
C ASN D 193 39.61 14.30 11.24
N GLU D 194 38.40 13.72 11.35
CA GLU D 194 37.87 13.09 12.57
C GLU D 194 37.85 11.56 12.46
N PRO D 195 37.90 10.80 13.58
CA PRO D 195 37.85 9.33 13.51
C PRO D 195 36.63 8.77 12.77
N SER D 196 35.43 9.35 13.00
CA SER D 196 34.21 8.83 12.35
C SER D 196 33.85 9.57 11.05
N ARG D 197 34.61 10.62 10.67
CA ARG D 197 34.23 11.42 9.51
C ARG D 197 35.41 12.19 8.89
N LEU D 198 35.61 12.00 7.58
CA LEU D 198 36.57 12.75 6.77
C LEU D 198 35.82 13.62 5.76
N ILE D 199 36.23 14.90 5.62
CA ILE D 199 35.69 15.80 4.60
C ILE D 199 36.87 16.14 3.73
N ILE D 200 36.74 15.88 2.43
CA ILE D 200 37.81 16.12 1.50
C ILE D 200 37.35 16.98 0.35
N LEU D 201 38.30 17.66 -0.30
CA LEU D 201 38.03 18.37 -1.53
C LEU D 201 38.56 17.49 -2.66
N LEU D 202 37.68 17.10 -3.60
CA LEU D 202 38.12 16.26 -4.71
C LEU D 202 38.77 17.13 -5.77
N PRO D 203 39.96 16.78 -6.28
CA PRO D 203 40.58 17.60 -7.36
C PRO D 203 39.66 17.73 -8.59
N ALA D 204 39.70 18.90 -9.25
CA ALA D 204 38.84 19.21 -10.40
C ALA D 204 39.26 18.50 -11.69
N SER D 205 40.54 18.11 -11.79
CA SER D 205 41.16 17.48 -12.96
C SER D 205 40.85 15.98 -13.13
N LEU D 206 40.00 15.39 -12.26
CA LEU D 206 39.74 13.96 -12.37
C LEU D 206 38.79 13.65 -13.49
N GLU D 207 39.21 12.70 -14.34
CA GLU D 207 38.44 12.19 -15.45
C GLU D 207 37.22 11.42 -14.89
N ASP D 208 36.02 11.59 -15.49
CA ASP D 208 34.82 10.84 -15.11
C ASP D 208 35.09 9.35 -15.10
N GLY D 209 34.57 8.67 -14.09
CA GLY D 209 34.74 7.22 -14.00
C GLY D 209 34.78 6.75 -12.57
N GLU D 210 34.86 5.45 -12.40
CA GLU D 210 34.97 4.80 -11.11
C GLU D 210 36.41 4.82 -10.65
N TYR D 211 36.59 4.99 -9.33
CA TYR D 211 37.88 5.00 -8.66
C TYR D 211 37.85 4.17 -7.41
N MSE D 212 39.00 3.62 -7.02
CA MSE D 212 39.15 3.01 -5.70
C MSE D 212 39.68 4.09 -4.80
O MSE D 212 40.73 4.66 -5.12
CB MSE D 212 40.05 1.75 -5.70
CG MSE D 212 39.94 0.94 -4.38
SE MSE D 212 38.08 0.33 -3.89
CE MSE D 212 37.75 -0.83 -5.35
N LEU D 213 38.93 4.49 -3.77
CA LEU D 213 39.37 5.51 -2.82
C LEU D 213 40.00 4.80 -1.63
N THR D 214 41.25 5.14 -1.30
CA THR D 214 41.94 4.54 -0.18
C THR D 214 42.35 5.61 0.83
N VAL D 215 42.13 5.31 2.13
CA VAL D 215 42.59 6.11 3.26
C VAL D 215 43.74 5.34 3.91
N THR D 216 44.97 5.90 3.87
CA THR D 216 46.16 5.32 4.49
C THR D 216 46.51 6.20 5.68
N THR D 217 46.70 5.57 6.85
CA THR D 217 46.99 6.32 8.08
C THR D 217 47.81 5.47 9.07
N GLN D 218 48.46 6.18 10.01
CA GLN D 218 49.23 5.62 11.13
C GLN D 218 48.54 5.97 12.44
N TYR D 219 47.33 6.53 12.36
CA TYR D 219 46.53 6.84 13.55
C TYR D 219 45.99 5.53 14.13
N ARG D 220 46.24 5.33 15.43
CA ARG D 220 45.79 4.15 16.17
C ARG D 220 44.36 4.39 16.71
N GLY D 221 43.55 3.32 16.73
CA GLY D 221 42.17 3.37 17.23
C GLY D 221 42.04 3.56 18.74
N GLY D 222 42.78 4.54 19.28
CA GLY D 222 42.81 4.89 20.69
C GLY D 222 43.16 6.35 20.89
N GLY D 223 44.31 6.60 21.52
CA GLY D 223 44.81 7.95 21.81
C GLY D 223 46.31 8.09 22.01
N GLY D 224 47.03 6.96 22.02
CA GLY D 224 48.47 6.92 22.23
C GLY D 224 49.35 7.26 21.04
N ALA D 225 50.41 6.42 20.83
CA ALA D 225 51.41 6.57 19.76
C ALA D 225 50.89 6.11 18.38
N LEU D 226 51.51 6.69 17.31
CA LEU D 226 51.17 6.38 15.93
C LEU D 226 51.74 5.01 15.51
N LEU D 227 50.96 4.26 14.71
CA LEU D 227 51.33 2.94 14.18
C LEU D 227 52.63 3.02 13.39
N LYS D 228 53.51 2.04 13.59
CA LYS D 228 54.81 1.97 12.91
C LYS D 228 54.62 1.62 11.44
N THR D 229 53.65 0.70 11.13
CA THR D 229 53.30 0.33 9.76
C THR D 229 51.96 1.04 9.44
N PRO D 230 51.89 1.87 8.36
CA PRO D 230 50.61 2.51 8.00
C PRO D 230 49.59 1.48 7.55
N ARG D 231 48.32 1.68 7.89
CA ARG D 231 47.24 0.75 7.46
C ARG D 231 46.29 1.49 6.50
N SER D 232 45.61 0.71 5.64
CA SER D 232 44.74 1.27 4.60
C SER D 232 43.35 0.63 4.60
N THR D 233 42.33 1.40 4.17
CA THR D 233 40.95 0.92 4.02
C THR D 233 40.35 1.62 2.78
N SER D 234 39.48 0.94 2.06
CA SER D 234 39.01 1.46 0.80
C SER D 234 37.52 1.40 0.61
N HIS D 235 37.05 2.14 -0.40
CA HIS D 235 35.69 2.15 -0.89
C HIS D 235 35.69 2.64 -2.33
N THR D 236 34.93 1.98 -3.20
CA THR D 236 34.78 2.42 -4.59
C THR D 236 34.01 3.77 -4.61
N ILE D 237 34.29 4.59 -5.62
CA ILE D 237 33.64 5.89 -5.76
C ILE D 237 33.51 6.21 -7.27
N TYR D 238 32.35 6.79 -7.65
CA TYR D 238 32.19 7.26 -8.99
C TYR D 238 32.41 8.75 -8.99
N ILE D 239 33.37 9.23 -9.77
CA ILE D 239 33.60 10.67 -9.82
C ILE D 239 33.05 11.21 -11.14
N GLY D 240 32.14 12.20 -11.05
CA GLY D 240 31.55 12.88 -12.18
C GLY D 240 32.33 14.15 -12.42
N GLY D 241 32.54 14.47 -13.70
CA GLY D 241 33.30 15.64 -14.13
C GLY D 241 32.90 16.91 -13.43
N ALA D 242 33.92 17.78 -13.20
CA ALA D 242 33.77 19.07 -12.53
C ALA D 242 32.71 19.96 -13.23
N PRO D 243 31.83 20.64 -12.45
CA PRO D 243 30.82 21.50 -13.08
C PRO D 243 31.42 22.84 -13.55
#